data_4NCF
#
_entry.id   4NCF
#
_cell.length_a   73.560
_cell.length_b   119.460
_cell.length_c   120.730
_cell.angle_alpha   90.00
_cell.angle_beta   90.00
_cell.angle_gamma   90.00
#
_symmetry.space_group_name_H-M   'P 21 21 21'
#
loop_
_entity.id
_entity.type
_entity.pdbx_description
1 polymer 'Eukaryotic translation initiation factor 5B'
2 non-polymer "GUANOSINE-5'-DIPHOSPHATE"
3 non-polymer 'MAGNESIUM ION'
#
_entity_poly.entity_id   1
_entity_poly.type   'polypeptide(L)'
_entity_poly.pdbx_seq_one_letter_code
;SHMNKKDLRSPICCILGHVDTGKTKLLDKIRQTNVQGGEAGGITQQIGATYFPIDAIKAKTKVMAEYEKQTFDVPGLLVI
DTPGHESFSNLRSRGSSLCNIAILVIDIMHGLEQQTIESIKLLRDRKAPFVVALNKIDRLYDWKAIPNNSFRDSFAKQSR
AVQEEFQSRYSKIQLELAEQGLNSELYFQNKNMSKYVSIVPTSAVTGEGVPDLLWLLLELTQKRMSKQLMYLSHVEATIL
EVKVVEGFGTTIDVILSNGYLREGDRIVLCGMNGPIVTNIRALLTPQPLRELRLKSEYVHHKEVKAALGVKIAANDLEKA
VSGSRLLVVGPEDDEDELMDDVMDDLTGLLDSVDTTGKGVVVQASTLGSLEALLDFLKDMKIPVMSIGLGPVYKRDVMKA
STMLEKAPEYAVMLCFDVKVDKEAEQYAEQEGIKIFNADVIYHLFDSFTAYQEKLLE
;
_entity_poly.pdbx_strand_id   A,B
#
# COMPACT_ATOMS: atom_id res chain seq x y z
N ASP A 7 -7.24 13.57 21.20
CA ASP A 7 -6.16 14.19 20.45
C ASP A 7 -5.41 13.17 19.62
N LEU A 8 -4.31 12.65 20.16
CA LEU A 8 -3.48 11.68 19.46
C LEU A 8 -3.89 10.24 19.74
N ARG A 9 -3.57 9.36 18.79
CA ARG A 9 -3.86 7.94 18.92
C ARG A 9 -2.64 7.21 19.45
N SER A 10 -2.86 6.33 20.41
CA SER A 10 -1.80 5.53 21.01
C SER A 10 -1.22 4.52 20.02
N PRO A 11 0.12 4.45 19.95
CA PRO A 11 0.79 3.55 19.01
C PRO A 11 0.83 2.09 19.49
N ILE A 12 1.04 1.17 18.56
CA ILE A 12 1.08 -0.25 18.88
C ILE A 12 2.47 -0.86 18.69
N CYS A 13 2.93 -1.64 19.67
CA CYS A 13 4.24 -2.29 19.60
C CYS A 13 4.12 -3.82 19.62
N CYS A 14 4.93 -4.49 18.82
CA CYS A 14 4.97 -5.96 18.83
C CYS A 14 6.39 -6.50 19.04
N ILE A 15 6.49 -7.56 19.85
CA ILE A 15 7.78 -8.17 20.18
C ILE A 15 8.00 -9.54 19.54
N LEU A 16 9.04 -9.67 18.73
CA LEU A 16 9.38 -10.94 18.12
C LEU A 16 10.87 -11.26 18.29
N GLY A 17 11.18 -12.48 18.71
CA GLY A 17 12.55 -12.91 18.88
C GLY A 17 12.68 -14.42 18.92
N HIS A 18 13.91 -14.91 18.77
CA HIS A 18 14.17 -16.34 18.93
C HIS A 18 13.83 -16.75 20.36
N VAL A 19 13.48 -18.03 20.54
CA VAL A 19 13.12 -18.56 21.86
C VAL A 19 14.25 -18.32 22.86
N ASP A 20 13.88 -18.01 24.11
CA ASP A 20 14.81 -17.82 25.22
C ASP A 20 15.65 -16.54 25.10
N THR A 21 15.27 -15.67 24.17
CA THR A 21 15.92 -14.35 24.06
C THR A 21 15.51 -13.45 25.23
N GLY A 22 14.33 -13.70 25.79
CA GLY A 22 13.87 -12.93 26.93
C GLY A 22 12.76 -11.93 26.64
N LYS A 23 12.14 -12.05 25.45
CA LYS A 23 11.07 -11.14 25.06
C LYS A 23 9.90 -11.16 26.06
N THR A 24 9.53 -12.35 26.53
CA THR A 24 8.50 -12.45 27.55
C THR A 24 8.98 -11.80 28.85
N LYS A 25 10.21 -12.11 29.24
CA LYS A 25 10.79 -11.52 30.45
C LYS A 25 10.94 -10.01 30.34
N LEU A 26 11.35 -9.54 29.17
CA LEU A 26 11.46 -8.11 28.91
C LEU A 26 10.09 -7.45 29.05
N LEU A 27 9.10 -8.10 28.45
CA LEU A 27 7.72 -7.63 28.50
C LEU A 27 7.24 -7.54 29.94
N ASP A 28 7.61 -8.52 30.75
CA ASP A 28 7.26 -8.53 32.16
C ASP A 28 7.97 -7.40 32.91
N LYS A 29 9.20 -7.09 32.51
CA LYS A 29 9.95 -6.01 33.14
C LYS A 29 9.29 -4.67 32.87
N ILE A 30 8.92 -4.44 31.61
CA ILE A 30 8.21 -3.23 31.23
C ILE A 30 6.85 -3.18 31.94
N ARG A 31 6.24 -4.36 32.09
CA ARG A 31 4.95 -4.52 32.73
C ARG A 31 5.00 -4.25 34.23
N GLN A 32 6.20 -4.35 34.81
CA GLN A 32 6.37 -4.29 36.26
C GLN A 32 5.75 -3.05 36.87
N THR A 33 5.00 -3.27 37.95
CA THR A 33 4.32 -2.20 38.67
C THR A 33 5.31 -1.16 39.15
N ASN A 34 4.99 0.11 38.95
CA ASN A 34 5.88 1.18 39.36
C ASN A 34 5.49 1.73 40.72
N VAL A 35 6.49 1.91 41.57
CA VAL A 35 6.27 2.32 42.94
C VAL A 35 6.60 3.79 43.13
N GLN A 36 5.58 4.64 42.99
CA GLN A 36 5.75 6.09 43.09
C GLN A 36 4.40 6.78 43.22
N ALA A 40 1.64 7.91 37.89
CA ALA A 40 2.24 6.62 37.56
C ALA A 40 1.21 5.50 37.65
N GLY A 41 1.66 4.27 37.44
CA GLY A 41 0.78 3.12 37.48
C GLY A 41 -0.29 3.17 36.42
N GLY A 42 -1.31 2.32 36.56
CA GLY A 42 -2.42 2.29 35.64
C GLY A 42 -2.21 1.34 34.48
N ILE A 43 -1.23 0.44 34.61
CA ILE A 43 -0.95 -0.50 33.52
C ILE A 43 -1.92 -1.67 33.64
N THR A 44 -2.67 -1.90 32.57
CA THR A 44 -3.72 -2.92 32.57
C THR A 44 -3.42 -4.05 31.60
N GLN A 45 -3.69 -5.28 32.02
CA GLN A 45 -3.59 -6.39 31.10
C GLN A 45 -4.91 -6.48 30.36
N GLN A 46 -4.83 -6.48 29.03
CA GLN A 46 -6.01 -6.58 28.19
C GLN A 46 -5.97 -7.90 27.44
N ILE A 47 -6.96 -8.13 26.59
CA ILE A 47 -7.00 -9.34 25.79
C ILE A 47 -6.10 -9.22 24.57
N GLY A 48 -5.08 -10.07 24.54
CA GLY A 48 -4.13 -10.11 23.45
C GLY A 48 -3.12 -8.97 23.49
N ALA A 49 -3.25 -8.08 24.47
CA ALA A 49 -2.35 -6.94 24.59
C ALA A 49 -2.32 -6.37 26.01
N THR A 50 -1.28 -5.60 26.31
CA THR A 50 -1.24 -4.84 27.57
C THR A 50 -0.96 -3.37 27.25
N TYR A 51 -1.62 -2.50 28.00
CA TYR A 51 -1.57 -1.05 27.80
C TYR A 51 -0.85 -0.30 28.91
N PHE A 52 0.02 0.63 28.51
CA PHE A 52 0.78 1.46 29.44
C PHE A 52 0.39 2.93 29.28
N PRO A 53 -0.21 3.53 30.32
CA PRO A 53 -0.52 4.96 30.26
C PRO A 53 0.76 5.79 30.18
N ILE A 54 0.68 6.98 29.58
CA ILE A 54 1.87 7.77 29.31
C ILE A 54 2.61 8.19 30.58
N ASP A 55 1.88 8.35 31.68
CA ASP A 55 2.46 8.77 32.94
C ASP A 55 3.39 7.68 33.49
N ALA A 56 2.95 6.43 33.35
CA ALA A 56 3.77 5.30 33.78
C ALA A 56 5.07 5.24 32.99
N ILE A 57 4.97 5.51 31.69
CA ILE A 57 6.14 5.54 30.83
C ILE A 57 7.07 6.68 31.23
N LYS A 58 6.50 7.84 31.57
CA LYS A 58 7.28 8.96 32.07
C LYS A 58 8.06 8.54 33.29
N ALA A 59 7.37 7.84 34.18
CA ALA A 59 8.00 7.35 35.41
C ALA A 59 9.13 6.39 35.08
N LYS A 60 8.96 5.60 34.03
CA LYS A 60 10.01 4.66 33.60
C LYS A 60 11.09 5.34 32.76
N THR A 61 10.71 6.38 32.03
CA THR A 61 11.66 7.07 31.15
C THR A 61 12.24 8.33 31.78
N LYS A 62 12.26 8.40 33.10
CA LYS A 62 12.75 9.58 33.81
C LYS A 62 14.25 9.81 33.59
N VAL A 63 15.03 8.74 33.70
CA VAL A 63 16.49 8.84 33.57
C VAL A 63 16.91 9.28 32.18
N MET A 64 16.07 9.00 31.18
CA MET A 64 16.39 9.36 29.80
C MET A 64 16.47 10.86 29.59
N ALA A 65 16.05 11.62 30.60
CA ALA A 65 16.17 13.07 30.57
C ALA A 65 17.63 13.47 30.54
N GLU A 66 18.51 12.60 31.03
CA GLU A 66 19.94 12.87 31.07
C GLU A 66 20.58 12.96 29.68
N TYR A 67 19.98 12.29 28.69
CA TYR A 67 20.60 12.21 27.37
C TYR A 67 19.73 12.75 26.24
N GLU A 68 18.42 12.72 26.42
CA GLU A 68 17.52 13.03 25.31
C GLU A 68 16.35 13.91 25.70
N LYS A 69 15.84 14.66 24.72
CA LYS A 69 14.64 15.46 24.89
C LYS A 69 13.41 14.57 25.00
N GLN A 70 12.55 14.84 25.97
CA GLN A 70 11.40 13.99 26.22
C GLN A 70 10.10 14.63 25.76
N THR A 71 9.34 13.87 24.97
CA THR A 71 8.04 14.32 24.50
C THR A 71 6.99 13.28 24.88
N PHE A 72 5.87 13.74 25.42
CA PHE A 72 4.80 12.82 25.84
C PHE A 72 3.44 13.25 25.31
N ASP A 73 3.31 13.26 23.98
CA ASP A 73 2.09 13.69 23.33
C ASP A 73 1.00 12.62 23.37
N VAL A 74 1.37 11.38 23.06
CA VAL A 74 0.41 10.28 22.99
C VAL A 74 -0.10 9.87 24.37
N PRO A 75 -1.33 9.34 24.44
CA PRO A 75 -1.94 8.92 25.70
C PRO A 75 -1.26 7.70 26.32
N GLY A 76 -0.75 6.79 25.49
CA GLY A 76 -0.14 5.58 25.99
C GLY A 76 0.61 4.75 24.97
N LEU A 77 1.09 3.59 25.40
CA LEU A 77 1.73 2.63 24.52
C LEU A 77 1.03 1.29 24.64
N LEU A 78 0.66 0.70 23.51
CA LEU A 78 0.02 -0.61 23.52
C LEU A 78 0.96 -1.67 22.95
N VAL A 79 1.18 -2.75 23.68
CA VAL A 79 2.04 -3.82 23.17
C VAL A 79 1.26 -5.14 23.15
N ILE A 80 1.63 -6.04 22.24
CA ILE A 80 0.90 -7.28 22.05
C ILE A 80 1.54 -8.42 22.83
N ASP A 81 0.77 -8.97 23.78
CA ASP A 81 1.22 -10.07 24.63
C ASP A 81 1.33 -11.41 23.90
N THR A 82 0.39 -11.67 23.00
CA THR A 82 0.25 -13.00 22.39
C THR A 82 1.52 -13.45 21.68
N PRO A 83 1.92 -14.71 21.92
CA PRO A 83 3.13 -15.28 21.34
C PRO A 83 2.91 -15.68 19.89
N GLY A 84 3.90 -15.44 19.04
CA GLY A 84 3.75 -15.69 17.62
C GLY A 84 3.77 -14.41 16.81
N HIS A 85 2.99 -14.38 15.75
CA HIS A 85 3.02 -13.27 14.81
C HIS A 85 1.60 -12.77 14.50
N GLU A 86 0.76 -12.72 15.52
CA GLU A 86 -0.61 -12.24 15.40
C GLU A 86 -0.68 -10.79 14.89
N SER A 87 0.37 -10.02 15.17
CA SER A 87 0.43 -8.62 14.78
C SER A 87 0.58 -8.44 13.27
N PHE A 88 0.71 -9.56 12.55
CA PHE A 88 0.82 -9.53 11.10
C PHE A 88 -0.26 -10.38 10.44
N SER A 89 -1.35 -10.61 11.15
CA SER A 89 -2.45 -11.42 10.63
C SER A 89 -3.27 -10.67 9.58
N ASN A 90 -3.16 -9.35 9.57
CA ASN A 90 -3.85 -8.53 8.57
C ASN A 90 -2.94 -8.22 7.38
N LEU A 91 -3.53 -7.75 6.28
CA LEU A 91 -2.77 -7.40 5.08
C LEU A 91 -1.72 -6.34 5.40
N ARG A 92 -0.64 -6.31 4.62
CA ARG A 92 0.48 -5.40 4.86
C ARG A 92 0.07 -3.94 4.79
N SER A 93 -0.83 -3.59 3.86
CA SER A 93 -1.29 -2.22 3.74
C SER A 93 -2.03 -1.84 5.01
N ARG A 94 -2.86 -2.74 5.49
CA ARG A 94 -3.65 -2.55 6.70
C ARG A 94 -2.79 -2.78 7.93
N GLY A 95 -1.59 -3.31 7.71
CA GLY A 95 -0.68 -3.74 8.76
C GLY A 95 -0.35 -2.67 9.78
N SER A 96 -0.25 -1.43 9.30
CA SER A 96 0.04 -0.28 10.15
C SER A 96 -0.93 -0.22 11.34
N SER A 97 -2.16 -0.65 11.12
CA SER A 97 -3.14 -0.66 12.19
C SER A 97 -2.77 -1.62 13.32
N LEU A 98 -2.32 -2.83 12.97
CA LEU A 98 -2.01 -3.82 14.01
C LEU A 98 -0.71 -3.55 14.75
N CYS A 99 0.32 -3.14 14.03
CA CYS A 99 1.63 -2.92 14.63
C CYS A 99 2.31 -1.67 14.07
N ASN A 100 2.46 -0.63 14.87
CA ASN A 100 3.15 0.57 14.41
C ASN A 100 4.67 0.38 14.42
N ILE A 101 5.18 -0.26 15.47
CA ILE A 101 6.61 -0.52 15.58
C ILE A 101 6.84 -1.92 16.15
N ALA A 102 7.92 -2.57 15.70
CA ALA A 102 8.21 -3.93 16.10
C ALA A 102 9.50 -3.99 16.90
N ILE A 103 9.52 -4.84 17.92
CA ILE A 103 10.73 -5.00 18.72
C ILE A 103 11.35 -6.37 18.47
N LEU A 104 12.51 -6.37 17.83
CA LEU A 104 13.23 -7.59 17.53
C LEU A 104 14.26 -7.86 18.62
N VAL A 105 14.01 -8.86 19.45
CA VAL A 105 14.87 -9.14 20.58
C VAL A 105 16.02 -10.05 20.17
N ILE A 106 17.24 -9.61 20.41
CA ILE A 106 18.42 -10.40 20.09
C ILE A 106 19.27 -10.59 21.33
N ASP A 107 19.57 -11.83 21.66
CA ASP A 107 20.48 -12.14 22.75
C ASP A 107 21.88 -11.69 22.34
N ILE A 108 22.48 -10.82 23.16
CA ILE A 108 23.80 -10.29 22.85
C ILE A 108 24.83 -11.41 22.92
N MET A 109 24.53 -12.44 23.70
CA MET A 109 25.41 -13.57 23.87
C MET A 109 25.39 -14.47 22.63
N HIS A 110 24.19 -14.88 22.23
CA HIS A 110 24.03 -15.75 21.07
C HIS A 110 24.26 -15.05 19.75
N GLY A 111 23.80 -13.81 19.66
CA GLY A 111 23.83 -13.08 18.40
C GLY A 111 22.67 -13.56 17.56
N LEU A 112 22.84 -13.57 16.25
CA LEU A 112 21.76 -13.97 15.34
C LEU A 112 21.46 -15.46 15.44
N GLU A 113 20.18 -15.79 15.34
CA GLU A 113 19.72 -17.17 15.41
C GLU A 113 18.72 -17.41 14.27
N GLN A 114 18.27 -18.65 14.11
CA GLN A 114 17.42 -19.01 12.98
C GLN A 114 16.10 -18.25 13.00
N GLN A 115 15.42 -18.28 14.14
CA GLN A 115 14.14 -17.58 14.29
C GLN A 115 14.32 -16.07 14.12
N THR A 116 15.51 -15.58 14.46
CA THR A 116 15.83 -14.17 14.31
C THR A 116 15.88 -13.80 12.82
N ILE A 117 16.53 -14.64 12.03
CA ILE A 117 16.63 -14.42 10.59
C ILE A 117 15.26 -14.55 9.93
N GLU A 118 14.48 -15.52 10.40
CA GLU A 118 13.11 -15.71 9.95
C GLU A 118 12.27 -14.45 10.20
N SER A 119 12.37 -13.93 11.42
CA SER A 119 11.65 -12.71 11.80
C SER A 119 12.10 -11.50 10.98
N ILE A 120 13.39 -11.44 10.70
CA ILE A 120 13.96 -10.37 9.90
C ILE A 120 13.36 -10.40 8.49
N LYS A 121 13.36 -11.58 7.88
CA LYS A 121 12.80 -11.76 6.55
C LYS A 121 11.32 -11.42 6.55
N LEU A 122 10.62 -11.83 7.60
CA LEU A 122 9.21 -11.52 7.76
C LEU A 122 8.98 -10.01 7.78
N LEU A 123 9.83 -9.30 8.50
CA LEU A 123 9.71 -7.85 8.61
C LEU A 123 10.01 -7.18 7.28
N ARG A 124 10.98 -7.71 6.54
CA ARG A 124 11.32 -7.16 5.23
C ARG A 124 10.19 -7.35 4.24
N ASP A 125 9.56 -8.52 4.28
CA ASP A 125 8.42 -8.79 3.41
C ASP A 125 7.24 -7.91 3.81
N ARG A 126 7.09 -7.71 5.12
CA ARG A 126 6.01 -6.94 5.69
C ARG A 126 6.16 -5.44 5.48
N LYS A 127 7.39 -5.01 5.22
CA LYS A 127 7.72 -3.60 5.05
C LYS A 127 7.36 -2.83 6.33
N ALA A 128 7.50 -3.51 7.46
CA ALA A 128 7.20 -2.94 8.77
C ALA A 128 8.45 -2.41 9.47
N PRO A 129 8.37 -1.18 10.00
CA PRO A 129 9.48 -0.56 10.74
C PRO A 129 9.72 -1.28 12.06
N PHE A 130 10.98 -1.34 12.50
CA PHE A 130 11.30 -2.04 13.74
C PHE A 130 12.62 -1.57 14.35
N VAL A 131 12.78 -1.84 15.64
CA VAL A 131 14.03 -1.59 16.33
C VAL A 131 14.47 -2.91 16.97
N VAL A 132 15.77 -3.05 17.23
CA VAL A 132 16.27 -4.27 17.84
C VAL A 132 16.74 -4.01 19.26
N ALA A 133 16.33 -4.88 20.18
CA ALA A 133 16.75 -4.80 21.57
C ALA A 133 17.82 -5.84 21.86
N LEU A 134 19.02 -5.38 22.20
CA LEU A 134 20.12 -6.28 22.54
C LEU A 134 20.03 -6.73 23.99
N ASN A 135 19.28 -7.79 24.23
CA ASN A 135 19.01 -8.23 25.60
C ASN A 135 20.16 -9.05 26.20
N LYS A 136 20.08 -9.26 27.52
CA LYS A 136 21.05 -10.04 28.28
C LYS A 136 22.43 -9.38 28.37
N ILE A 137 22.48 -8.06 28.38
CA ILE A 137 23.77 -7.37 28.53
C ILE A 137 24.34 -7.52 29.94
N ASP A 138 23.49 -7.81 30.92
CA ASP A 138 23.97 -7.97 32.29
C ASP A 138 24.82 -9.23 32.43
N ARG A 139 24.65 -10.16 31.49
CA ARG A 139 25.37 -11.42 31.50
C ARG A 139 26.83 -11.26 31.07
N LEU A 140 27.17 -10.11 30.49
CA LEU A 140 28.56 -9.82 30.16
C LEU A 140 29.40 -10.00 31.43
N TYR A 141 30.61 -10.52 31.27
CA TYR A 141 31.42 -10.94 32.40
C TYR A 141 31.73 -9.80 33.36
N ASP A 142 31.42 -10.03 34.64
CA ASP A 142 31.66 -9.06 35.71
C ASP A 142 30.96 -7.74 35.44
N TRP A 143 29.75 -7.82 34.91
CA TRP A 143 28.92 -6.64 34.69
C TRP A 143 28.35 -6.15 36.01
N LYS A 144 28.53 -4.87 36.31
CA LYS A 144 28.01 -4.31 37.54
C LYS A 144 26.73 -3.55 37.22
N ALA A 145 25.61 -4.03 37.79
CA ALA A 145 24.30 -3.59 37.35
C ALA A 145 23.71 -2.50 38.23
N ILE A 146 23.17 -1.48 37.58
CA ILE A 146 22.35 -0.47 38.24
C ILE A 146 20.91 -0.63 37.76
N PRO A 147 20.03 -1.08 38.67
CA PRO A 147 18.64 -1.41 38.33
C PRO A 147 17.92 -0.27 37.61
N ASN A 148 17.33 -0.59 36.45
CA ASN A 148 16.49 0.35 35.70
C ASN A 148 17.23 1.60 35.24
N ASN A 149 18.55 1.53 35.15
CA ASN A 149 19.35 2.66 34.70
C ASN A 149 19.34 2.78 33.19
N SER A 150 19.64 3.98 32.68
CA SER A 150 19.85 4.17 31.25
C SER A 150 21.06 3.38 30.80
N PHE A 151 21.12 3.02 29.52
CA PHE A 151 22.22 2.21 29.02
C PHE A 151 23.56 2.94 29.05
N ARG A 152 23.58 4.16 28.52
CA ARG A 152 24.83 4.91 28.38
C ARG A 152 25.48 5.19 29.73
N ASP A 153 24.66 5.48 30.74
CA ASP A 153 25.15 5.76 32.09
C ASP A 153 25.83 4.52 32.67
N SER A 154 25.10 3.42 32.68
CA SER A 154 25.61 2.15 33.22
C SER A 154 26.84 1.68 32.46
N PHE A 155 26.86 1.92 31.15
CA PHE A 155 27.99 1.55 30.31
C PHE A 155 29.21 2.37 30.71
N ALA A 156 28.99 3.65 30.96
CA ALA A 156 30.06 4.52 31.43
C ALA A 156 30.55 4.06 32.79
N LYS A 157 29.63 3.50 33.58
CA LYS A 157 29.93 3.00 34.91
C LYS A 157 30.83 1.76 34.88
N GLN A 158 30.71 0.96 33.83
CA GLN A 158 31.41 -0.33 33.75
C GLN A 158 32.92 -0.23 33.58
N SER A 159 33.60 -1.33 33.89
CA SER A 159 35.04 -1.45 33.69
C SER A 159 35.39 -1.56 32.21
N ARG A 160 36.66 -1.30 31.88
CA ARG A 160 37.12 -1.31 30.50
C ARG A 160 36.98 -2.70 29.86
N ALA A 161 37.20 -3.74 30.65
CA ALA A 161 37.09 -5.11 30.17
C ALA A 161 35.67 -5.40 29.71
N VAL A 162 34.70 -5.00 30.53
CA VAL A 162 33.29 -5.17 30.21
C VAL A 162 32.91 -4.45 28.93
N GLN A 163 33.36 -3.19 28.82
CA GLN A 163 33.12 -2.39 27.62
C GLN A 163 33.70 -3.06 26.38
N GLU A 164 34.87 -3.67 26.53
CA GLU A 164 35.52 -4.35 25.40
C GLU A 164 34.76 -5.61 25.00
N GLU A 165 34.30 -6.38 25.97
CA GLU A 165 33.51 -7.58 25.67
C GLU A 165 32.23 -7.18 24.93
N PHE A 166 31.54 -6.19 25.48
CA PHE A 166 30.32 -5.67 24.86
C PHE A 166 30.59 -5.20 23.45
N GLN A 167 31.71 -4.49 23.26
CA GLN A 167 32.04 -3.96 21.95
C GLN A 167 32.31 -5.08 20.96
N SER A 168 32.96 -6.14 21.42
CA SER A 168 33.26 -7.28 20.56
C SER A 168 31.98 -7.96 20.10
N ARG A 169 31.15 -8.34 21.07
CA ARG A 169 29.89 -9.02 20.75
C ARG A 169 28.99 -8.15 19.88
N TYR A 170 28.85 -6.88 20.25
CA TYR A 170 28.02 -5.94 19.51
C TYR A 170 28.52 -5.77 18.07
N SER A 171 29.84 -5.70 17.90
CA SER A 171 30.42 -5.57 16.57
C SER A 171 30.12 -6.81 15.74
N LYS A 172 30.18 -7.97 16.40
CA LYS A 172 29.91 -9.24 15.74
C LYS A 172 28.45 -9.28 15.26
N ILE A 173 27.53 -8.88 16.13
CA ILE A 173 26.11 -8.91 15.81
C ILE A 173 25.76 -7.90 14.72
N GLN A 174 26.42 -6.74 14.77
CA GLN A 174 26.27 -5.73 13.73
C GLN A 174 26.72 -6.29 12.38
N LEU A 175 27.78 -7.10 12.43
CA LEU A 175 28.29 -7.76 11.23
C LEU A 175 27.29 -8.78 10.70
N GLU A 176 26.72 -9.57 11.62
CA GLU A 176 25.71 -10.56 11.25
C GLU A 176 24.50 -9.91 10.60
N LEU A 177 24.08 -8.77 11.15
CA LEU A 177 22.98 -8.01 10.57
C LEU A 177 23.36 -7.47 9.20
N ALA A 178 24.63 -7.11 9.04
CA ALA A 178 25.11 -6.63 7.75
C ALA A 178 25.05 -7.78 6.73
N GLU A 179 25.23 -9.00 7.21
CA GLU A 179 25.14 -10.18 6.35
C GLU A 179 23.71 -10.35 5.79
N GLN A 180 22.71 -10.06 6.61
CA GLN A 180 21.32 -10.10 6.16
C GLN A 180 20.95 -8.90 5.28
N GLY A 181 21.90 -7.99 5.10
CA GLY A 181 21.74 -6.87 4.19
C GLY A 181 21.15 -5.61 4.79
N LEU A 182 20.90 -5.63 6.10
CA LEU A 182 20.40 -4.44 6.80
C LEU A 182 21.50 -3.81 7.65
N ASN A 183 21.70 -2.51 7.47
CA ASN A 183 22.65 -1.76 8.27
C ASN A 183 22.10 -1.47 9.66
N SER A 184 22.96 -1.55 10.67
CA SER A 184 22.53 -1.39 12.06
C SER A 184 23.42 -0.42 12.83
N GLU A 185 22.80 0.36 13.71
CA GLU A 185 23.52 1.32 14.54
C GLU A 185 22.80 1.47 15.88
N LEU A 186 23.53 1.94 16.90
CA LEU A 186 22.92 2.26 18.18
C LEU A 186 21.97 3.45 17.98
N TYR A 187 20.89 3.49 18.74
CA TYR A 187 19.78 4.39 18.44
C TYR A 187 20.17 5.86 18.46
N PHE A 188 21.06 6.25 19.38
CA PHE A 188 21.50 7.64 19.45
C PHE A 188 22.51 7.96 18.35
N GLN A 189 23.32 6.98 17.99
CA GLN A 189 24.35 7.15 16.96
C GLN A 189 23.76 7.26 15.55
N ASN A 190 22.67 6.54 15.32
CA ASN A 190 22.08 6.44 13.98
C ASN A 190 21.60 7.78 13.44
N LYS A 191 21.95 8.06 12.19
CA LYS A 191 21.57 9.32 11.55
C LYS A 191 20.19 9.24 10.92
N ASN A 192 19.94 8.19 10.14
CA ASN A 192 18.66 8.00 9.48
C ASN A 192 18.01 6.67 9.83
N MET A 193 16.76 6.73 10.31
CA MET A 193 16.03 5.52 10.69
C MET A 193 15.73 4.64 9.48
N SER A 194 15.52 5.26 8.33
CA SER A 194 15.16 4.51 7.12
C SER A 194 16.27 3.59 6.66
N LYS A 195 17.50 4.11 6.60
CA LYS A 195 18.64 3.33 6.12
C LYS A 195 19.16 2.37 7.19
N TYR A 196 19.28 2.87 8.42
CA TYR A 196 19.87 2.09 9.51
C TYR A 196 18.83 1.68 10.56
N VAL A 197 18.81 0.41 10.92
CA VAL A 197 17.97 -0.06 12.01
C VAL A 197 18.65 0.33 13.34
N SER A 198 17.85 0.65 14.35
CA SER A 198 18.40 1.17 15.60
C SER A 198 18.50 0.08 16.67
N ILE A 199 19.68 -0.02 17.27
CA ILE A 199 19.92 -0.98 18.34
C ILE A 199 19.91 -0.31 19.70
N VAL A 200 19.10 -0.85 20.62
CA VAL A 200 19.13 -0.40 22.00
C VAL A 200 19.49 -1.58 22.89
N PRO A 201 20.67 -1.51 23.52
CA PRO A 201 21.11 -2.56 24.44
C PRO A 201 20.17 -2.63 25.65
N THR A 202 19.80 -3.83 26.05
CA THR A 202 18.78 -4.00 27.07
C THR A 202 19.15 -5.11 28.05
N SER A 203 18.66 -5.01 29.28
CA SER A 203 18.70 -6.11 30.22
C SER A 203 17.33 -6.26 30.87
N ALA A 204 16.65 -7.35 30.53
CA ALA A 204 15.29 -7.59 31.02
C ALA A 204 15.26 -7.83 32.52
N VAL A 205 16.36 -8.36 33.06
CA VAL A 205 16.47 -8.62 34.49
C VAL A 205 16.73 -7.36 35.31
N THR A 206 17.75 -6.60 34.91
CA THR A 206 18.12 -5.39 35.63
C THR A 206 17.17 -4.23 35.30
N GLY A 207 16.72 -4.19 34.06
CA GLY A 207 15.87 -3.10 33.61
C GLY A 207 16.69 -2.03 32.89
N GLU A 208 17.98 -2.30 32.75
CA GLU A 208 18.88 -1.40 32.03
C GLU A 208 18.57 -1.41 30.54
N GLY A 209 18.50 -0.22 29.95
CA GLY A 209 18.22 -0.10 28.53
C GLY A 209 16.74 0.00 28.24
N VAL A 210 15.92 -0.44 29.21
CA VAL A 210 14.47 -0.35 29.08
C VAL A 210 13.99 1.10 28.95
N PRO A 211 14.55 2.03 29.76
CA PRO A 211 14.18 3.43 29.51
C PRO A 211 14.55 3.89 28.10
N ASP A 212 15.70 3.46 27.61
CA ASP A 212 16.16 3.80 26.28
C ASP A 212 15.20 3.25 25.23
N LEU A 213 14.76 2.02 25.46
CA LEU A 213 13.85 1.33 24.54
C LEU A 213 12.51 2.06 24.47
N LEU A 214 11.92 2.32 25.63
CA LEU A 214 10.64 3.02 25.70
C LEU A 214 10.72 4.41 25.09
N TRP A 215 11.79 5.13 25.42
CA TRP A 215 11.99 6.47 24.87
C TRP A 215 12.10 6.42 23.35
N LEU A 216 12.79 5.41 22.84
CA LEU A 216 12.97 5.25 21.40
C LEU A 216 11.64 4.96 20.73
N LEU A 217 10.83 4.12 21.38
CA LEU A 217 9.52 3.78 20.86
C LEU A 217 8.68 5.05 20.78
N LEU A 218 8.68 5.83 21.86
CA LEU A 218 7.96 7.09 21.90
C LEU A 218 8.43 8.05 20.81
N GLU A 219 9.74 8.12 20.61
CA GLU A 219 10.31 9.04 19.63
C GLU A 219 9.88 8.67 18.21
N LEU A 220 10.08 7.41 17.85
CA LEU A 220 9.77 6.95 16.51
C LEU A 220 8.27 7.00 16.23
N THR A 221 7.48 6.54 17.18
CA THR A 221 6.02 6.53 17.03
C THR A 221 5.41 7.92 17.01
N GLN A 222 5.89 8.81 17.87
CA GLN A 222 5.32 10.15 17.91
C GLN A 222 5.75 10.95 16.68
N LYS A 223 7.03 10.94 16.35
CA LYS A 223 7.49 11.76 15.23
C LYS A 223 7.05 11.15 13.91
N ARG A 224 7.48 9.91 13.63
CA ARG A 224 7.17 9.31 12.34
C ARG A 224 5.71 8.93 12.21
N MET A 225 5.11 8.42 13.29
CA MET A 225 3.72 7.99 13.17
C MET A 225 2.70 9.05 13.62
N SER A 226 3.15 10.28 13.96
CA SER A 226 2.17 11.35 14.21
C SER A 226 1.28 11.44 13.00
N LYS A 227 1.93 11.31 11.84
CA LYS A 227 1.25 11.25 10.59
C LYS A 227 0.33 10.04 10.54
N GLN A 228 0.86 8.91 10.99
CA GLN A 228 0.11 7.66 10.97
C GLN A 228 -1.05 7.63 11.97
N LEU A 229 -0.77 8.06 13.20
CA LEU A 229 -1.80 8.00 14.25
C LEU A 229 -2.50 9.32 14.50
N MET A 230 -3.75 9.41 14.04
CA MET A 230 -4.62 10.54 14.34
C MET A 230 -5.94 10.00 14.85
N TYR A 231 -6.82 10.88 15.34
CA TYR A 231 -8.12 10.40 15.78
C TYR A 231 -9.10 10.40 14.63
N LEU A 232 -9.88 9.33 14.54
CA LEU A 232 -10.87 9.12 13.49
C LEU A 232 -12.19 8.72 14.11
N SER A 233 -13.28 9.23 13.57
CA SER A 233 -14.58 8.96 14.14
C SER A 233 -15.12 7.65 13.57
N HIS A 234 -14.63 7.29 12.38
CA HIS A 234 -14.90 5.95 11.87
C HIS A 234 -14.06 4.95 12.67
N VAL A 235 -14.65 3.79 12.94
CA VAL A 235 -14.00 2.75 13.72
C VAL A 235 -12.81 2.12 12.97
N GLU A 236 -11.74 1.85 13.70
CA GLU A 236 -10.60 1.15 13.12
C GLU A 236 -10.18 0.00 14.05
N ALA A 237 -10.38 -1.23 13.58
CA ALA A 237 -10.11 -2.42 14.39
C ALA A 237 -9.78 -3.62 13.52
N THR A 238 -8.96 -4.52 14.05
CA THR A 238 -8.55 -5.71 13.32
C THR A 238 -8.59 -6.94 14.24
N ILE A 239 -9.04 -8.08 13.71
CA ILE A 239 -9.21 -9.28 14.50
C ILE A 239 -7.91 -10.09 14.65
N LEU A 240 -7.34 -10.09 15.85
CA LEU A 240 -6.18 -10.91 16.13
C LEU A 240 -6.55 -12.39 16.12
N GLU A 241 -7.64 -12.74 16.78
CA GLU A 241 -7.99 -14.14 16.92
C GLU A 241 -9.48 -14.41 16.97
N VAL A 242 -9.86 -15.63 16.60
CA VAL A 242 -11.20 -16.12 16.82
C VAL A 242 -11.06 -17.26 17.83
N LYS A 243 -11.75 -17.15 18.95
CA LYS A 243 -11.55 -18.10 20.04
C LYS A 243 -12.88 -18.48 20.64
N VAL A 244 -13.02 -19.72 21.07
CA VAL A 244 -14.27 -20.16 21.67
C VAL A 244 -14.16 -20.10 23.19
N VAL A 245 -15.02 -19.29 23.79
CA VAL A 245 -15.05 -19.12 25.24
C VAL A 245 -16.37 -19.63 25.79
N GLU A 246 -16.31 -20.42 26.84
CA GLU A 246 -17.52 -20.98 27.45
C GLU A 246 -18.42 -19.87 27.97
N GLY A 247 -19.73 -20.02 27.75
CA GLY A 247 -20.69 -19.03 28.20
C GLY A 247 -20.94 -17.95 27.16
N PHE A 248 -20.12 -17.93 26.12
CA PHE A 248 -20.27 -16.96 25.05
C PHE A 248 -20.21 -17.62 23.67
N GLY A 249 -19.78 -18.88 23.63
CA GLY A 249 -19.57 -19.54 22.37
C GLY A 249 -18.38 -18.92 21.66
N THR A 250 -18.52 -18.68 20.37
CA THR A 250 -17.46 -18.07 19.59
C THR A 250 -17.36 -16.58 19.87
N THR A 251 -16.14 -16.13 20.18
CA THR A 251 -15.86 -14.72 20.44
C THR A 251 -14.66 -14.31 19.60
N ILE A 252 -14.50 -13.00 19.40
CA ILE A 252 -13.37 -12.54 18.61
C ILE A 252 -12.49 -11.57 19.41
N ASP A 253 -11.21 -11.94 19.52
CA ASP A 253 -10.24 -11.08 20.18
C ASP A 253 -9.67 -10.11 19.15
N VAL A 254 -9.90 -8.82 19.39
CA VAL A 254 -9.62 -7.80 18.39
C VAL A 254 -8.84 -6.64 19.01
N ILE A 255 -7.97 -6.03 18.21
CA ILE A 255 -7.27 -4.81 18.61
C ILE A 255 -8.00 -3.61 18.02
N LEU A 256 -8.48 -2.74 18.88
CA LEU A 256 -9.18 -1.53 18.45
C LEU A 256 -8.18 -0.39 18.34
N SER A 257 -7.69 -0.16 17.13
CA SER A 257 -6.65 0.85 16.91
C SER A 257 -7.22 2.25 17.06
N ASN A 258 -8.42 2.47 16.52
CA ASN A 258 -9.04 3.78 16.63
C ASN A 258 -10.56 3.71 16.80
N GLY A 259 -11.13 4.74 17.42
CA GLY A 259 -12.58 4.86 17.54
C GLY A 259 -13.19 4.23 18.77
N TYR A 260 -14.50 4.34 18.88
CA TYR A 260 -15.24 3.79 20.02
C TYR A 260 -16.07 2.59 19.59
N LEU A 261 -16.08 1.56 20.42
CA LEU A 261 -16.97 0.42 20.20
C LEU A 261 -17.96 0.33 21.36
N ARG A 262 -19.23 0.16 21.06
CA ARG A 262 -20.23 0.08 22.12
C ARG A 262 -21.14 -1.13 21.95
N GLU A 263 -21.63 -1.65 23.07
CA GLU A 263 -22.55 -2.77 23.05
C GLU A 263 -23.83 -2.43 22.28
N GLY A 264 -24.32 -3.39 21.50
CA GLY A 264 -25.50 -3.17 20.68
C GLY A 264 -25.18 -2.55 19.34
N ASP A 265 -23.89 -2.31 19.08
CA ASP A 265 -23.46 -1.79 17.79
C ASP A 265 -23.70 -2.82 16.69
N ARG A 266 -23.96 -2.34 15.48
CA ARG A 266 -24.08 -3.22 14.32
C ARG A 266 -22.74 -3.28 13.59
N ILE A 267 -22.17 -4.47 13.50
CA ILE A 267 -20.83 -4.63 12.94
C ILE A 267 -20.81 -5.65 11.81
N VAL A 268 -19.98 -5.37 10.81
CA VAL A 268 -19.73 -6.27 9.69
C VAL A 268 -18.24 -6.65 9.65
N LEU A 269 -17.99 -7.94 9.41
CA LEU A 269 -16.64 -8.49 9.40
C LEU A 269 -16.48 -9.56 8.33
N CYS A 270 -15.25 -9.79 7.90
CA CYS A 270 -14.95 -10.78 6.87
C CYS A 270 -15.11 -12.22 7.37
N GLY A 271 -15.67 -13.07 6.53
CA GLY A 271 -15.89 -14.47 6.85
C GLY A 271 -15.51 -15.38 5.69
N MET A 272 -15.16 -16.63 5.99
CA MET A 272 -14.71 -17.57 4.96
C MET A 272 -15.73 -17.73 3.84
N ASN A 273 -16.93 -18.15 4.19
CA ASN A 273 -18.00 -18.34 3.22
C ASN A 273 -18.47 -17.00 2.64
N GLY A 274 -18.72 -16.05 3.54
CA GLY A 274 -19.21 -14.74 3.15
C GLY A 274 -19.10 -13.73 4.27
N PRO A 275 -19.47 -12.47 3.97
CA PRO A 275 -19.46 -11.42 5.01
C PRO A 275 -20.41 -11.74 6.15
N ILE A 276 -20.00 -11.40 7.36
CA ILE A 276 -20.79 -11.65 8.56
C ILE A 276 -21.29 -10.33 9.12
N VAL A 277 -22.59 -10.27 9.41
CA VAL A 277 -23.18 -9.10 10.05
C VAL A 277 -23.82 -9.50 11.38
N THR A 278 -23.48 -8.77 12.44
CA THR A 278 -24.00 -9.11 13.76
C THR A 278 -24.01 -7.91 14.69
N ASN A 279 -24.76 -8.01 15.78
CA ASN A 279 -24.76 -6.96 16.78
C ASN A 279 -23.98 -7.40 18.01
N ILE A 280 -23.20 -6.48 18.57
CA ILE A 280 -22.37 -6.79 19.72
C ILE A 280 -23.22 -7.05 20.96
N ARG A 281 -23.12 -8.27 21.48
CA ARG A 281 -23.85 -8.64 22.69
C ARG A 281 -23.04 -8.25 23.93
N ALA A 282 -21.72 -8.31 23.83
CA ALA A 282 -20.88 -7.95 24.98
C ALA A 282 -19.46 -7.52 24.60
N LEU A 283 -18.93 -6.59 25.37
CA LEU A 283 -17.53 -6.16 25.24
C LEU A 283 -16.80 -6.54 26.52
N LEU A 284 -15.77 -7.35 26.38
CA LEU A 284 -15.12 -7.98 27.52
C LEU A 284 -13.64 -7.66 27.61
N THR A 285 -13.17 -7.48 28.85
CA THR A 285 -11.75 -7.27 29.14
C THR A 285 -11.34 -8.17 30.31
N PRO A 286 -10.04 -8.49 30.45
CA PRO A 286 -9.67 -9.38 31.55
C PRO A 286 -9.80 -8.70 32.91
N GLN A 287 -10.01 -9.49 33.96
CA GLN A 287 -10.13 -8.92 35.30
C GLN A 287 -8.93 -9.32 36.15
N PRO A 288 -8.17 -8.33 36.63
CA PRO A 288 -6.93 -8.52 37.39
C PRO A 288 -7.13 -9.14 38.76
N LEU A 289 -8.12 -8.65 39.50
CA LEU A 289 -8.34 -9.06 40.88
C LEU A 289 -8.75 -10.52 40.97
N ARG A 290 -8.00 -11.30 41.73
CA ARG A 290 -8.25 -12.73 41.88
C ARG A 290 -9.65 -12.99 42.43
N GLU A 291 -10.01 -12.24 43.46
CA GLU A 291 -11.31 -12.41 44.12
C GLU A 291 -12.46 -12.12 43.16
N LEU A 292 -12.33 -11.04 42.40
CA LEU A 292 -13.34 -10.70 41.40
C LEU A 292 -13.28 -11.62 40.19
N ARG A 293 -12.08 -12.07 39.83
CA ARG A 293 -11.87 -13.00 38.72
C ARG A 293 -12.57 -14.33 39.01
N LEU A 294 -12.60 -14.67 40.29
CA LEU A 294 -13.21 -15.90 40.78
C LEU A 294 -14.71 -15.97 40.45
N LYS A 295 -15.40 -14.84 40.59
CA LYS A 295 -16.82 -14.77 40.25
C LYS A 295 -16.99 -14.84 38.74
N SER A 296 -16.21 -14.02 38.04
CA SER A 296 -16.25 -13.97 36.59
C SER A 296 -14.88 -13.62 36.03
N GLU A 297 -14.48 -14.30 34.96
CA GLU A 297 -13.16 -14.14 34.39
C GLU A 297 -13.03 -12.84 33.60
N TYR A 298 -14.16 -12.18 33.36
CA TYR A 298 -14.18 -11.00 32.50
C TYR A 298 -14.92 -9.82 33.11
N VAL A 299 -14.62 -8.64 32.57
CA VAL A 299 -15.32 -7.42 32.92
C VAL A 299 -16.05 -6.90 31.69
N HIS A 300 -17.31 -6.53 31.87
CA HIS A 300 -18.14 -6.06 30.77
C HIS A 300 -18.02 -4.55 30.62
N HIS A 301 -17.94 -4.10 29.38
CA HIS A 301 -17.92 -2.68 29.09
C HIS A 301 -19.05 -2.35 28.13
N LYS A 302 -19.92 -1.42 28.53
CA LYS A 302 -20.96 -0.95 27.63
C LYS A 302 -20.32 -0.16 26.51
N GLU A 303 -19.23 0.50 26.82
CA GLU A 303 -18.46 1.24 25.82
C GLU A 303 -16.97 1.01 26.04
N VAL A 304 -16.23 1.01 24.93
CA VAL A 304 -14.79 0.81 24.94
C VAL A 304 -14.13 1.81 23.99
N LYS A 305 -12.98 2.35 24.40
CA LYS A 305 -12.29 3.35 23.60
C LYS A 305 -10.88 2.93 23.22
N ALA A 306 -10.50 3.20 21.98
CA ALA A 306 -9.16 2.96 21.48
C ALA A 306 -8.11 3.76 22.26
N ALA A 307 -6.90 3.23 22.38
CA ALA A 307 -6.53 1.95 21.79
C ALA A 307 -6.44 0.86 22.85
N LEU A 308 -7.04 -0.29 22.56
CA LEU A 308 -7.02 -1.41 23.50
C LEU A 308 -7.35 -2.73 22.80
N GLY A 309 -7.00 -3.83 23.47
CA GLY A 309 -7.37 -5.15 22.99
C GLY A 309 -8.58 -5.66 23.74
N VAL A 310 -9.63 -6.02 23.01
CA VAL A 310 -10.91 -6.35 23.62
C VAL A 310 -11.49 -7.62 23.02
N LYS A 311 -12.22 -8.38 23.84
CA LYS A 311 -12.92 -9.55 23.36
C LYS A 311 -14.37 -9.18 23.03
N ILE A 312 -14.80 -9.48 21.82
CA ILE A 312 -16.16 -9.17 21.41
C ILE A 312 -17.00 -10.44 21.40
N ALA A 313 -18.16 -10.35 22.05
CA ALA A 313 -19.10 -11.45 22.09
C ALA A 313 -20.35 -11.07 21.30
N ALA A 314 -20.65 -11.87 20.28
CA ALA A 314 -21.77 -11.62 19.38
C ALA A 314 -22.18 -12.90 18.66
N ASN A 315 -23.27 -12.81 17.91
CA ASN A 315 -23.77 -13.96 17.15
C ASN A 315 -22.97 -14.24 15.88
N ASP A 316 -22.97 -15.51 15.45
CA ASP A 316 -22.39 -15.91 14.16
C ASP A 316 -20.91 -15.58 14.01
N LEU A 317 -20.16 -15.63 15.11
CA LEU A 317 -18.75 -15.29 15.08
C LEU A 317 -17.83 -16.43 14.62
N GLU A 318 -18.38 -17.64 14.46
CA GLU A 318 -17.56 -18.81 14.15
C GLU A 318 -16.91 -18.71 12.76
N LYS A 319 -17.64 -18.14 11.81
CA LYS A 319 -17.17 -18.04 10.44
C LYS A 319 -16.06 -17.00 10.28
N ALA A 320 -15.84 -16.20 11.31
CA ALA A 320 -14.92 -15.07 11.24
C ALA A 320 -13.50 -15.49 10.88
N VAL A 321 -12.82 -14.63 10.12
CA VAL A 321 -11.45 -14.89 9.71
C VAL A 321 -10.48 -13.96 10.43
N SER A 322 -9.38 -14.53 10.93
CA SER A 322 -8.36 -13.75 11.63
C SER A 322 -7.66 -12.77 10.68
N GLY A 323 -7.36 -11.58 11.19
CA GLY A 323 -6.65 -10.58 10.40
C GLY A 323 -7.61 -9.64 9.68
N SER A 324 -8.88 -9.99 9.67
CA SER A 324 -9.89 -9.17 8.99
C SER A 324 -10.17 -7.89 9.77
N ARG A 325 -10.43 -6.80 9.04
CA ARG A 325 -10.83 -5.56 9.66
C ARG A 325 -12.32 -5.62 10.02
N LEU A 326 -12.70 -4.85 11.03
CA LEU A 326 -14.10 -4.82 11.48
C LEU A 326 -14.70 -3.43 11.28
N LEU A 327 -15.89 -3.38 10.67
CA LEU A 327 -16.51 -2.09 10.39
C LEU A 327 -17.85 -1.92 11.11
N VAL A 328 -18.11 -0.71 11.60
CA VAL A 328 -19.37 -0.41 12.25
C VAL A 328 -20.25 0.45 11.36
N VAL A 329 -21.45 -0.01 11.06
CA VAL A 329 -22.37 0.79 10.26
C VAL A 329 -23.12 1.77 11.17
N GLY A 330 -22.77 3.04 11.06
CA GLY A 330 -23.49 4.09 11.74
C GLY A 330 -24.72 4.44 10.93
N PRO A 331 -25.56 5.34 11.45
CA PRO A 331 -26.69 5.82 10.64
C PRO A 331 -26.18 6.45 9.34
N GLU A 332 -27.02 6.48 8.31
CA GLU A 332 -26.66 7.01 6.99
C GLU A 332 -25.59 6.18 6.28
N ASP A 333 -25.21 5.05 6.86
CA ASP A 333 -24.27 4.13 6.22
C ASP A 333 -25.05 2.94 5.66
N ASP A 334 -24.54 2.35 4.58
CA ASP A 334 -25.18 1.17 4.02
C ASP A 334 -24.44 -0.08 4.48
N GLU A 335 -25.15 -0.98 5.15
CA GLU A 335 -24.52 -2.18 5.72
C GLU A 335 -23.96 -3.08 4.62
N ASP A 336 -24.68 -3.22 3.51
CA ASP A 336 -24.29 -4.10 2.42
C ASP A 336 -23.01 -3.62 1.75
N GLU A 337 -22.97 -2.32 1.47
CA GLU A 337 -21.80 -1.66 0.90
C GLU A 337 -20.60 -1.90 1.80
N LEU A 338 -20.83 -1.79 3.11
CA LEU A 338 -19.80 -2.03 4.11
C LEU A 338 -19.34 -3.48 4.09
N MET A 339 -20.27 -4.40 3.85
CA MET A 339 -19.93 -5.82 3.75
C MET A 339 -18.98 -6.03 2.59
N ASP A 340 -19.29 -5.43 1.44
CA ASP A 340 -18.38 -5.51 0.30
C ASP A 340 -17.02 -4.91 0.65
N ASP A 341 -17.06 -3.77 1.36
CA ASP A 341 -15.85 -3.07 1.78
C ASP A 341 -14.93 -3.93 2.66
N VAL A 342 -15.49 -4.58 3.67
CA VAL A 342 -14.69 -5.42 4.56
C VAL A 342 -14.21 -6.66 3.80
N MET A 343 -15.07 -7.20 2.95
CA MET A 343 -14.72 -8.40 2.17
C MET A 343 -13.66 -8.13 1.10
N ASP A 344 -13.42 -6.86 0.78
CA ASP A 344 -12.57 -6.50 -0.35
C ASP A 344 -11.15 -7.12 -0.31
N ASP A 345 -10.57 -7.27 0.88
CA ASP A 345 -9.25 -7.86 0.99
C ASP A 345 -9.27 -9.34 0.60
N LEU A 346 -10.23 -10.08 1.16
CA LEU A 346 -10.37 -11.50 0.89
C LEU A 346 -10.73 -11.76 -0.56
N THR A 347 -11.63 -10.95 -1.10
CA THR A 347 -12.03 -11.08 -2.50
C THR A 347 -10.84 -10.76 -3.39
N GLY A 348 -10.10 -9.73 -3.01
CA GLY A 348 -8.92 -9.32 -3.73
C GLY A 348 -7.88 -10.42 -3.83
N LEU A 349 -7.69 -11.15 -2.74
CA LEU A 349 -6.81 -12.33 -2.77
C LEU A 349 -7.41 -13.48 -3.58
N LEU A 350 -8.71 -13.67 -3.41
CA LEU A 350 -9.44 -14.80 -4.02
C LEU A 350 -9.44 -14.74 -5.54
N ASP A 351 -9.54 -13.53 -6.08
CA ASP A 351 -9.57 -13.32 -7.51
C ASP A 351 -8.27 -13.78 -8.18
N SER A 352 -7.16 -13.56 -7.49
CA SER A 352 -5.85 -13.98 -7.98
C SER A 352 -5.80 -15.49 -8.24
N VAL A 353 -6.64 -16.24 -7.53
CA VAL A 353 -6.78 -17.66 -7.77
C VAL A 353 -7.89 -17.93 -8.77
N ASP A 354 -7.67 -18.89 -9.66
CA ASP A 354 -8.68 -19.25 -10.66
C ASP A 354 -9.39 -20.54 -10.30
N THR A 355 -10.69 -20.45 -10.03
CA THR A 355 -11.52 -21.62 -9.75
C THR A 355 -11.50 -22.57 -10.94
N THR A 356 -11.30 -22.00 -12.13
CA THR A 356 -11.21 -22.77 -13.36
C THR A 356 -9.79 -22.76 -13.91
N GLY A 357 -9.12 -23.91 -13.81
CA GLY A 357 -7.75 -24.03 -14.30
C GLY A 357 -6.93 -24.97 -13.44
N LYS A 358 -5.71 -25.28 -13.89
CA LYS A 358 -4.81 -26.14 -13.15
C LYS A 358 -4.03 -25.34 -12.11
N GLY A 359 -4.15 -25.73 -10.84
CA GLY A 359 -3.50 -25.03 -9.76
C GLY A 359 -3.36 -25.87 -8.51
N VAL A 360 -2.58 -25.38 -7.55
CA VAL A 360 -2.42 -26.05 -6.26
C VAL A 360 -3.45 -25.51 -5.26
N VAL A 361 -3.67 -26.26 -4.19
CA VAL A 361 -4.57 -25.82 -3.12
C VAL A 361 -3.77 -25.21 -1.97
N VAL A 362 -4.21 -24.06 -1.48
CA VAL A 362 -3.55 -23.43 -0.33
C VAL A 362 -4.53 -23.17 0.81
N GLN A 363 -4.07 -23.39 2.03
CA GLN A 363 -4.85 -23.15 3.23
C GLN A 363 -4.01 -22.40 4.24
N ALA A 364 -4.61 -21.38 4.86
CA ALA A 364 -3.89 -20.58 5.84
C ALA A 364 -4.76 -20.21 7.02
N SER A 365 -4.11 -19.87 8.13
CA SER A 365 -4.81 -19.47 9.34
C SER A 365 -5.35 -18.05 9.23
N THR A 366 -4.54 -17.14 8.72
CA THR A 366 -4.89 -15.72 8.67
C THR A 366 -4.73 -15.14 7.26
N LEU A 367 -5.29 -13.95 7.08
CA LEU A 367 -5.23 -13.23 5.80
C LEU A 367 -3.79 -12.86 5.42
N GLY A 368 -3.00 -12.45 6.41
CA GLY A 368 -1.63 -12.05 6.16
C GLY A 368 -0.76 -13.21 5.73
N SER A 369 -0.91 -14.34 6.41
CA SER A 369 -0.18 -15.55 6.08
C SER A 369 -0.53 -16.06 4.68
N LEU A 370 -1.82 -15.97 4.36
CA LEU A 370 -2.32 -16.36 3.05
C LEU A 370 -1.73 -15.43 1.98
N GLU A 371 -1.66 -14.14 2.31
CA GLU A 371 -1.09 -13.15 1.41
C GLU A 371 0.37 -13.46 1.11
N ALA A 372 1.13 -13.74 2.16
CA ALA A 372 2.54 -14.07 2.00
C ALA A 372 2.72 -15.35 1.18
N LEU A 373 1.83 -16.31 1.41
CA LEU A 373 1.87 -17.58 0.68
C LEU A 373 1.62 -17.37 -0.82
N LEU A 374 0.55 -16.63 -1.14
CA LEU A 374 0.21 -16.35 -2.52
C LEU A 374 1.27 -15.52 -3.20
N ASP A 375 1.91 -14.62 -2.45
CA ASP A 375 3.02 -13.85 -2.99
C ASP A 375 4.18 -14.76 -3.35
N PHE A 376 4.49 -15.71 -2.46
CA PHE A 376 5.57 -16.66 -2.72
C PHE A 376 5.29 -17.53 -3.94
N LEU A 377 4.05 -17.99 -4.05
CA LEU A 377 3.66 -18.84 -5.19
C LEU A 377 3.66 -18.05 -6.49
N LYS A 378 3.24 -16.80 -6.42
CA LYS A 378 3.26 -15.92 -7.58
C LYS A 378 4.68 -15.71 -8.05
N ASP A 379 5.60 -15.55 -7.09
CA ASP A 379 7.02 -15.41 -7.41
C ASP A 379 7.57 -16.68 -8.06
N MET A 380 7.23 -17.82 -7.48
CA MET A 380 7.65 -19.11 -7.99
C MET A 380 6.84 -19.55 -9.22
N LYS A 381 5.80 -18.79 -9.53
CA LYS A 381 4.96 -18.98 -10.72
C LYS A 381 4.11 -20.27 -10.67
N ILE A 382 3.83 -20.75 -9.46
CA ILE A 382 2.91 -21.87 -9.29
C ILE A 382 1.47 -21.36 -9.17
N PRO A 383 0.60 -21.82 -10.08
CA PRO A 383 -0.81 -21.41 -10.13
C PRO A 383 -1.61 -21.99 -8.97
N VAL A 384 -2.66 -21.28 -8.55
CA VAL A 384 -3.50 -21.75 -7.46
C VAL A 384 -4.96 -21.78 -7.87
N MET A 385 -5.58 -22.97 -7.78
CA MET A 385 -6.98 -23.10 -8.14
C MET A 385 -7.93 -22.65 -7.02
N SER A 386 -7.58 -22.95 -5.78
CA SER A 386 -8.46 -22.66 -4.66
C SER A 386 -7.72 -22.09 -3.44
N ILE A 387 -8.46 -21.36 -2.62
CA ILE A 387 -7.91 -20.75 -1.40
C ILE A 387 -8.65 -21.29 -0.18
N GLY A 388 -7.90 -21.60 0.87
CA GLY A 388 -8.48 -22.15 2.09
C GLY A 388 -8.20 -21.32 3.33
N LEU A 389 -9.20 -21.22 4.19
CA LEU A 389 -9.05 -20.54 5.48
C LEU A 389 -9.59 -21.42 6.60
N GLY A 390 -8.85 -21.50 7.70
CA GLY A 390 -9.28 -22.31 8.83
C GLY A 390 -8.89 -23.76 8.65
N PRO A 391 -9.30 -24.61 9.60
CA PRO A 391 -8.94 -26.03 9.65
C PRO A 391 -9.15 -26.78 8.33
N VAL A 392 -8.21 -27.65 7.98
CA VAL A 392 -8.29 -28.42 6.75
C VAL A 392 -9.30 -29.56 6.90
N TYR A 393 -10.17 -29.72 5.90
CA TYR A 393 -11.14 -30.79 5.92
C TYR A 393 -11.02 -31.63 4.64
N LYS A 394 -11.64 -32.81 4.66
CA LYS A 394 -11.52 -33.77 3.56
C LYS A 394 -11.87 -33.17 2.20
N ARG A 395 -12.89 -32.32 2.18
CA ARG A 395 -13.32 -31.64 0.95
C ARG A 395 -12.20 -30.78 0.37
N ASP A 396 -11.49 -30.09 1.24
CA ASP A 396 -10.37 -29.24 0.84
C ASP A 396 -9.32 -30.09 0.14
N VAL A 397 -9.12 -31.31 0.63
CA VAL A 397 -8.19 -32.24 0.02
C VAL A 397 -8.75 -32.74 -1.31
N MET A 398 -10.08 -32.91 -1.38
CA MET A 398 -10.73 -33.34 -2.62
C MET A 398 -10.44 -32.35 -3.73
N LYS A 399 -10.40 -31.07 -3.37
CA LYS A 399 -10.15 -30.01 -4.34
C LYS A 399 -8.83 -30.29 -5.05
N ALA A 400 -7.84 -30.71 -4.28
CA ALA A 400 -6.53 -31.07 -4.83
C ALA A 400 -6.62 -32.40 -5.58
N SER A 401 -7.49 -33.28 -5.09
CA SER A 401 -7.65 -34.61 -5.65
C SER A 401 -8.09 -34.53 -7.11
N THR A 402 -8.90 -33.52 -7.43
CA THR A 402 -9.35 -33.31 -8.80
C THR A 402 -8.17 -33.11 -9.76
N MET A 403 -7.12 -32.47 -9.26
CA MET A 403 -5.96 -32.15 -10.08
C MET A 403 -5.15 -33.39 -10.46
N LEU A 404 -5.31 -34.46 -9.69
CA LEU A 404 -4.53 -35.69 -9.88
C LEU A 404 -4.56 -36.26 -11.30
N GLU A 405 -5.74 -36.29 -11.91
CA GLU A 405 -5.90 -36.91 -13.21
C GLU A 405 -5.08 -36.23 -14.31
N LYS A 406 -5.10 -34.90 -14.31
CA LYS A 406 -4.41 -34.13 -15.35
C LYS A 406 -2.98 -33.79 -14.95
N ALA A 407 -2.78 -33.40 -13.69
CA ALA A 407 -1.46 -32.99 -13.22
C ALA A 407 -1.18 -33.47 -11.81
N PRO A 408 -0.36 -34.52 -11.68
CA PRO A 408 0.06 -35.08 -10.39
C PRO A 408 0.89 -34.11 -9.55
N GLU A 409 1.70 -33.30 -10.21
CA GLU A 409 2.60 -32.37 -9.53
C GLU A 409 1.87 -31.25 -8.81
N TYR A 410 0.76 -30.80 -9.39
CA TYR A 410 -0.02 -29.70 -8.81
C TYR A 410 -1.03 -30.18 -7.78
N ALA A 411 -1.14 -31.49 -7.62
CA ALA A 411 -2.06 -32.05 -6.63
C ALA A 411 -1.43 -32.05 -5.25
N VAL A 412 -1.16 -30.86 -4.72
CA VAL A 412 -0.56 -30.73 -3.40
C VAL A 412 -1.27 -29.65 -2.58
N MET A 413 -1.13 -29.72 -1.27
CA MET A 413 -1.71 -28.71 -0.38
C MET A 413 -0.67 -27.94 0.41
N LEU A 414 -0.66 -26.62 0.25
CA LEU A 414 0.23 -25.77 1.02
C LEU A 414 -0.52 -25.17 2.20
N CYS A 415 -0.24 -25.65 3.41
CA CYS A 415 -1.00 -25.22 4.57
C CYS A 415 -0.10 -24.58 5.61
N PHE A 416 -0.47 -23.38 6.07
CA PHE A 416 0.32 -22.72 7.11
C PHE A 416 -0.46 -22.45 8.38
N ASP A 417 0.05 -22.98 9.50
CA ASP A 417 -0.54 -22.73 10.81
C ASP A 417 -2.01 -23.16 10.83
N VAL A 418 -2.27 -24.30 10.21
CA VAL A 418 -3.63 -24.82 10.15
C VAL A 418 -3.67 -26.21 10.77
N LYS A 419 -4.84 -26.60 11.28
CA LYS A 419 -5.02 -27.90 11.88
C LYS A 419 -5.67 -28.81 10.85
N VAL A 420 -5.12 -30.01 10.70
CA VAL A 420 -5.64 -30.96 9.73
C VAL A 420 -6.39 -32.10 10.43
N ASP A 421 -7.60 -32.38 9.95
CA ASP A 421 -8.44 -33.41 10.53
C ASP A 421 -7.76 -34.75 10.33
N LYS A 422 -7.94 -35.69 11.26
CA LYS A 422 -7.38 -37.01 11.10
C LYS A 422 -8.00 -37.71 9.88
N GLU A 423 -9.27 -37.45 9.64
CA GLU A 423 -9.96 -38.07 8.51
C GLU A 423 -9.35 -37.54 7.22
N ALA A 424 -9.09 -36.24 7.23
CA ALA A 424 -8.48 -35.56 6.10
C ALA A 424 -7.05 -36.06 5.89
N GLU A 425 -6.35 -36.28 7.00
CA GLU A 425 -4.99 -36.79 6.98
C GLU A 425 -4.93 -38.16 6.33
N GLN A 426 -5.83 -39.04 6.76
CA GLN A 426 -5.92 -40.39 6.21
C GLN A 426 -6.32 -40.38 4.74
N TYR A 427 -7.27 -39.52 4.40
CA TYR A 427 -7.74 -39.43 3.03
C TYR A 427 -6.62 -38.97 2.10
N ALA A 428 -5.87 -37.96 2.53
CA ALA A 428 -4.74 -37.48 1.75
C ALA A 428 -3.65 -38.54 1.66
N GLU A 429 -3.48 -39.28 2.76
CA GLU A 429 -2.48 -40.34 2.84
C GLU A 429 -2.75 -41.45 1.83
N GLN A 430 -4.00 -41.88 1.75
CA GLN A 430 -4.43 -42.92 0.83
C GLN A 430 -4.48 -42.45 -0.62
N GLU A 431 -5.02 -41.24 -0.82
CA GLU A 431 -5.17 -40.65 -2.15
C GLU A 431 -3.84 -40.29 -2.79
N GLY A 432 -2.82 -40.07 -1.97
CA GLY A 432 -1.52 -39.72 -2.48
C GLY A 432 -1.29 -38.22 -2.62
N ILE A 433 -2.19 -37.43 -2.06
CA ILE A 433 -2.03 -35.97 -2.08
C ILE A 433 -0.92 -35.57 -1.12
N LYS A 434 -0.21 -34.50 -1.45
CA LYS A 434 0.89 -34.01 -0.62
C LYS A 434 0.43 -32.82 0.22
N ILE A 435 0.62 -32.92 1.53
CA ILE A 435 0.24 -31.85 2.44
C ILE A 435 1.46 -31.24 3.13
N PHE A 436 1.66 -29.94 2.93
CA PHE A 436 2.74 -29.24 3.59
C PHE A 436 2.17 -28.39 4.72
N ASN A 437 2.62 -28.66 5.94
CA ASN A 437 2.20 -27.88 7.10
C ASN A 437 3.39 -27.46 7.94
N ALA A 438 3.49 -26.16 8.23
CA ALA A 438 4.62 -25.67 9.01
C ALA A 438 4.21 -24.57 9.98
N ASP A 439 4.84 -24.57 11.16
CA ASP A 439 4.64 -23.49 12.14
C ASP A 439 5.22 -22.20 11.59
N VAL A 440 6.32 -22.32 10.85
CA VAL A 440 6.98 -21.18 10.24
C VAL A 440 6.68 -21.17 8.75
N ILE A 441 6.32 -20.01 8.22
CA ILE A 441 5.88 -19.89 6.84
C ILE A 441 7.04 -20.24 5.89
N TYR A 442 8.25 -19.86 6.28
CA TYR A 442 9.44 -20.09 5.46
C TYR A 442 9.87 -21.55 5.43
N HIS A 443 9.63 -22.27 6.53
CA HIS A 443 9.87 -23.70 6.58
C HIS A 443 9.11 -24.40 5.47
N LEU A 444 7.84 -24.00 5.33
CA LEU A 444 6.98 -24.53 4.27
C LEU A 444 7.52 -24.20 2.89
N PHE A 445 8.12 -23.03 2.74
CA PHE A 445 8.69 -22.62 1.47
C PHE A 445 9.87 -23.53 1.11
N ASP A 446 10.74 -23.74 2.09
CA ASP A 446 11.94 -24.55 1.90
C ASP A 446 11.58 -25.99 1.59
N SER A 447 10.68 -26.56 2.38
CA SER A 447 10.25 -27.94 2.17
C SER A 447 9.54 -28.10 0.83
N PHE A 448 8.78 -27.08 0.43
CA PHE A 448 8.05 -27.15 -0.83
C PHE A 448 8.97 -27.08 -2.03
N THR A 449 9.94 -26.16 -1.99
CA THR A 449 10.91 -26.04 -3.07
C THR A 449 11.77 -27.30 -3.14
N ALA A 450 12.05 -27.86 -1.97
CA ALA A 450 12.77 -29.12 -1.88
C ALA A 450 11.98 -30.24 -2.54
N TYR A 451 10.66 -30.21 -2.36
CA TYR A 451 9.78 -31.21 -2.96
C TYR A 451 9.74 -31.06 -4.48
N GLN A 452 9.67 -29.82 -4.95
CA GLN A 452 9.62 -29.54 -6.38
C GLN A 452 10.92 -29.98 -7.05
N GLU A 453 12.04 -29.75 -6.37
CA GLU A 453 13.34 -30.09 -6.93
C GLU A 453 13.64 -31.59 -6.78
N LYS A 454 12.96 -32.23 -5.84
CA LYS A 454 13.11 -33.68 -5.63
C LYS A 454 12.23 -34.45 -6.60
N LEU A 455 11.16 -33.80 -7.06
CA LEU A 455 10.31 -34.37 -8.10
C LEU A 455 10.91 -34.05 -9.47
N LEU A 456 11.67 -32.97 -9.54
CA LEU A 456 12.37 -32.59 -10.76
C LEU A 456 13.58 -33.49 -11.00
N GLU A 457 14.36 -33.70 -9.95
CA GLU A 457 15.57 -34.53 -9.99
C GLU A 457 16.56 -34.03 -11.04
N LYS B 6 -26.72 4.52 -4.26
CA LYS B 6 -25.79 5.61 -4.56
C LYS B 6 -25.59 5.77 -6.06
N ASP B 7 -25.05 6.91 -6.46
CA ASP B 7 -24.75 7.16 -7.87
C ASP B 7 -23.49 6.43 -8.30
N LEU B 8 -23.34 6.22 -9.60
CA LEU B 8 -22.17 5.53 -10.12
C LEU B 8 -21.05 6.49 -10.45
N ARG B 9 -19.82 6.01 -10.32
CA ARG B 9 -18.63 6.79 -10.60
C ARG B 9 -18.05 6.47 -11.97
N SER B 10 -17.69 7.50 -12.73
CA SER B 10 -17.04 7.27 -14.02
C SER B 10 -15.66 6.69 -13.79
N PRO B 11 -15.32 5.61 -14.51
CA PRO B 11 -14.03 4.92 -14.38
C PRO B 11 -12.91 5.62 -15.14
N ILE B 12 -11.67 5.28 -14.81
CA ILE B 12 -10.53 5.89 -15.49
C ILE B 12 -9.84 4.85 -16.36
N CYS B 13 -9.57 5.22 -17.60
CA CYS B 13 -8.93 4.33 -18.55
C CYS B 13 -7.59 4.95 -18.93
N CYS B 14 -6.56 4.12 -19.01
CA CYS B 14 -5.26 4.61 -19.44
C CYS B 14 -4.77 3.82 -20.64
N ILE B 15 -4.21 4.52 -21.62
CA ILE B 15 -3.74 3.88 -22.83
C ILE B 15 -2.22 3.91 -22.86
N LEU B 16 -1.61 2.73 -22.87
CA LEU B 16 -0.16 2.62 -22.93
C LEU B 16 0.27 1.65 -24.02
N GLY B 17 1.24 2.06 -24.82
CA GLY B 17 1.77 1.22 -25.88
C GLY B 17 3.13 1.72 -26.34
N HIS B 18 3.85 0.86 -27.06
CA HIS B 18 5.11 1.25 -27.66
C HIS B 18 4.87 2.36 -28.70
N VAL B 19 5.90 3.16 -28.95
CA VAL B 19 5.81 4.26 -29.90
C VAL B 19 5.39 3.75 -31.28
N ASP B 20 4.56 4.53 -31.97
CA ASP B 20 4.11 4.23 -33.34
C ASP B 20 3.14 3.04 -33.43
N THR B 21 2.63 2.59 -32.28
CA THR B 21 1.61 1.54 -32.28
C THR B 21 0.27 2.07 -32.77
N GLY B 22 0.05 3.37 -32.60
CA GLY B 22 -1.16 4.01 -33.06
C GLY B 22 -2.10 4.33 -31.92
N LYS B 23 -1.59 4.20 -30.70
CA LYS B 23 -2.36 4.46 -29.50
C LYS B 23 -2.89 5.90 -29.43
N THR B 24 -2.05 6.86 -29.82
CA THR B 24 -2.47 8.25 -29.91
C THR B 24 -3.54 8.41 -30.99
N LYS B 25 -3.24 7.79 -32.14
CA LYS B 25 -4.15 7.82 -33.29
C LYS B 25 -5.46 7.14 -32.91
N LEU B 26 -5.34 6.06 -32.15
CA LEU B 26 -6.49 5.34 -31.63
C LEU B 26 -7.36 6.25 -30.77
N LEU B 27 -6.70 6.98 -29.87
CA LEU B 27 -7.41 7.92 -29.00
C LEU B 27 -8.13 8.99 -29.80
N ASP B 28 -7.48 9.48 -30.84
CA ASP B 28 -8.08 10.50 -31.69
C ASP B 28 -9.28 9.94 -32.45
N LYS B 29 -9.20 8.67 -32.84
CA LYS B 29 -10.32 8.02 -33.53
C LYS B 29 -11.51 7.87 -32.59
N ILE B 30 -11.24 7.43 -31.36
CA ILE B 30 -12.29 7.29 -30.36
C ILE B 30 -12.93 8.64 -30.06
N ARG B 31 -12.11 9.70 -30.02
CA ARG B 31 -12.64 11.03 -29.75
C ARG B 31 -13.47 11.55 -30.91
N GLN B 32 -13.15 11.11 -32.12
CA GLN B 32 -13.78 11.61 -33.34
C GLN B 32 -15.29 11.34 -33.36
N THR B 33 -16.06 12.37 -33.70
CA THR B 33 -17.52 12.25 -33.77
C THR B 33 -18.12 13.40 -34.56
N GLY B 42 -23.47 14.42 -26.57
CA GLY B 42 -22.66 15.59 -26.27
C GLY B 42 -21.31 15.23 -25.66
N ILE B 43 -20.29 15.17 -26.51
CA ILE B 43 -18.93 14.82 -26.07
C ILE B 43 -18.18 16.03 -25.53
N THR B 44 -17.60 15.89 -24.34
CA THR B 44 -16.91 17.02 -23.70
C THR B 44 -15.39 16.77 -23.66
N GLN B 45 -14.64 17.80 -24.02
CA GLN B 45 -13.17 17.78 -23.93
C GLN B 45 -12.69 18.27 -22.56
N GLN B 46 -11.80 17.50 -21.94
CA GLN B 46 -11.25 17.92 -20.64
C GLN B 46 -9.76 18.27 -20.73
N ILE B 47 -9.19 18.66 -19.60
CA ILE B 47 -7.77 19.04 -19.52
C ILE B 47 -6.83 17.85 -19.35
N GLY B 48 -5.98 17.61 -20.36
CA GLY B 48 -4.98 16.56 -20.27
C GLY B 48 -5.51 15.15 -20.40
N ALA B 49 -6.83 15.04 -20.57
CA ALA B 49 -7.51 13.77 -20.66
C ALA B 49 -8.82 14.00 -21.40
N THR B 50 -9.46 12.94 -21.85
CA THR B 50 -10.77 13.13 -22.50
C THR B 50 -11.87 12.34 -21.82
N TYR B 51 -13.03 12.98 -21.64
CA TYR B 51 -14.14 12.35 -20.97
C TYR B 51 -15.26 12.12 -21.97
N PHE B 52 -15.82 10.93 -21.97
CA PHE B 52 -16.93 10.62 -22.87
C PHE B 52 -18.18 10.30 -22.07
N PRO B 53 -19.21 11.14 -22.21
CA PRO B 53 -20.50 10.85 -21.57
C PRO B 53 -21.08 9.58 -22.18
N ILE B 54 -21.93 8.89 -21.42
CA ILE B 54 -22.39 7.56 -21.83
C ILE B 54 -23.19 7.60 -23.14
N ASP B 55 -23.82 8.73 -23.43
CA ASP B 55 -24.65 8.87 -24.62
C ASP B 55 -23.80 8.78 -25.90
N ALA B 56 -22.65 9.44 -25.86
CA ALA B 56 -21.72 9.41 -27.00
C ALA B 56 -21.25 7.98 -27.25
N ILE B 57 -20.97 7.26 -26.17
CA ILE B 57 -20.55 5.88 -26.25
C ILE B 57 -21.68 5.02 -26.84
N LYS B 58 -22.91 5.30 -26.44
CA LYS B 58 -24.08 4.64 -27.02
C LYS B 58 -24.07 4.83 -28.53
N ALA B 59 -23.85 6.07 -28.94
CA ALA B 59 -23.79 6.39 -30.37
C ALA B 59 -22.69 5.63 -31.07
N LYS B 60 -21.57 5.45 -30.38
CA LYS B 60 -20.42 4.74 -30.94
C LYS B 60 -20.55 3.22 -30.84
N THR B 61 -21.24 2.75 -29.81
CA THR B 61 -21.38 1.30 -29.59
C THR B 61 -22.70 0.75 -30.10
N LYS B 62 -23.30 1.41 -31.08
CA LYS B 62 -24.59 0.98 -31.61
C LYS B 62 -24.50 -0.38 -32.31
N VAL B 63 -23.47 -0.55 -33.13
CA VAL B 63 -23.30 -1.78 -33.91
C VAL B 63 -23.07 -3.01 -33.03
N MET B 64 -22.55 -2.79 -31.83
CA MET B 64 -22.27 -3.89 -30.91
C MET B 64 -23.55 -4.61 -30.50
N ALA B 65 -24.69 -4.03 -30.85
CA ALA B 65 -25.99 -4.64 -30.59
C ALA B 65 -26.13 -5.94 -31.38
N GLU B 66 -25.36 -6.08 -32.46
CA GLU B 66 -25.45 -7.29 -33.26
C GLU B 66 -24.93 -8.52 -32.49
N TYR B 67 -24.03 -8.30 -31.55
CA TYR B 67 -23.36 -9.41 -30.88
C TYR B 67 -23.51 -9.46 -29.36
N GLU B 68 -23.71 -8.32 -28.72
CA GLU B 68 -23.66 -8.29 -27.26
C GLU B 68 -24.77 -7.46 -26.62
N LYS B 69 -25.12 -7.83 -25.38
CA LYS B 69 -26.07 -7.07 -24.60
C LYS B 69 -25.43 -5.76 -24.14
N GLN B 70 -26.16 -4.67 -24.29
CA GLN B 70 -25.61 -3.36 -23.96
C GLN B 70 -26.21 -2.80 -22.67
N THR B 71 -25.33 -2.40 -21.76
CA THR B 71 -25.74 -1.78 -20.51
C THR B 71 -25.06 -0.42 -20.39
N PHE B 72 -25.82 0.60 -20.00
CA PHE B 72 -25.28 1.94 -19.88
C PHE B 72 -25.60 2.54 -18.52
N ASP B 73 -25.10 1.90 -17.47
CA ASP B 73 -25.36 2.33 -16.10
C ASP B 73 -24.49 3.52 -15.72
N VAL B 74 -23.20 3.45 -16.03
CA VAL B 74 -22.26 4.51 -15.66
C VAL B 74 -22.47 5.76 -16.50
N PRO B 75 -22.18 6.94 -15.93
CA PRO B 75 -22.36 8.21 -16.65
C PRO B 75 -21.36 8.42 -17.79
N GLY B 76 -20.13 7.95 -17.61
CA GLY B 76 -19.12 8.17 -18.64
C GLY B 76 -17.81 7.43 -18.44
N LEU B 77 -16.86 7.69 -19.35
CA LEU B 77 -15.52 7.14 -19.24
C LEU B 77 -14.46 8.23 -19.31
N LEU B 78 -13.46 8.15 -18.43
CA LEU B 78 -12.35 9.11 -18.48
C LEU B 78 -11.13 8.39 -19.02
N VAL B 79 -10.52 8.95 -20.06
CA VAL B 79 -9.32 8.32 -20.59
C VAL B 79 -8.10 9.24 -20.59
N ILE B 80 -6.97 8.61 -20.30
CA ILE B 80 -5.67 9.27 -20.18
C ILE B 80 -4.74 8.93 -21.34
N ASP B 81 -4.30 9.94 -22.09
CA ASP B 81 -3.33 9.69 -23.16
C ASP B 81 -1.99 9.38 -22.49
N THR B 82 -1.14 8.61 -23.16
CA THR B 82 0.08 8.09 -22.54
C THR B 82 1.08 9.13 -22.01
N PRO B 83 1.27 10.29 -22.69
CA PRO B 83 2.29 11.15 -22.08
C PRO B 83 1.75 11.93 -20.89
N ASN B 90 4.84 12.41 -11.43
CA ASN B 90 3.92 12.08 -10.35
C ASN B 90 4.41 10.90 -9.52
N LEU B 91 3.84 10.74 -8.33
CA LEU B 91 4.20 9.64 -7.45
C LEU B 91 3.92 8.28 -8.09
N ARG B 92 4.78 7.30 -7.79
CA ARG B 92 4.61 5.95 -8.32
C ARG B 92 3.39 5.28 -7.70
N SER B 93 3.21 5.52 -6.41
CA SER B 93 2.14 4.90 -5.62
C SER B 93 0.72 5.28 -6.03
N ARG B 94 0.50 6.56 -6.33
CA ARG B 94 -0.85 7.03 -6.63
C ARG B 94 -1.33 6.62 -8.02
N GLY B 95 -0.41 6.18 -8.87
CA GLY B 95 -0.77 5.83 -10.24
C GLY B 95 -1.77 4.69 -10.32
N SER B 96 -1.56 3.67 -9.48
CA SER B 96 -2.47 2.53 -9.40
C SER B 96 -3.88 2.98 -9.03
N SER B 97 -3.96 3.95 -8.14
CA SER B 97 -5.22 4.54 -7.71
C SER B 97 -5.84 5.28 -8.89
N LEU B 98 -4.98 5.94 -9.65
CA LEU B 98 -5.36 6.76 -10.79
C LEU B 98 -5.90 5.94 -11.96
N CYS B 99 -5.44 4.70 -12.10
CA CYS B 99 -5.83 3.93 -13.28
C CYS B 99 -6.68 2.71 -12.92
N ASN B 100 -7.95 2.79 -13.29
CA ASN B 100 -8.91 1.72 -13.06
C ASN B 100 -8.77 0.59 -14.07
N ILE B 101 -8.59 0.93 -15.33
CA ILE B 101 -8.41 -0.06 -16.39
C ILE B 101 -7.37 0.43 -17.39
N ALA B 102 -6.59 -0.50 -17.93
CA ALA B 102 -5.52 -0.15 -18.85
C ALA B 102 -5.74 -0.73 -20.24
N ILE B 103 -5.42 0.05 -21.26
CA ILE B 103 -5.49 -0.42 -22.64
C ILE B 103 -4.07 -0.54 -23.20
N LEU B 104 -3.63 -1.78 -23.42
CA LEU B 104 -2.29 -2.02 -23.94
C LEU B 104 -2.37 -2.17 -25.46
N VAL B 105 -1.87 -1.19 -26.18
CA VAL B 105 -1.99 -1.18 -27.64
C VAL B 105 -0.81 -1.92 -28.28
N ILE B 106 -1.12 -2.91 -29.10
CA ILE B 106 -0.09 -3.69 -29.78
C ILE B 106 -0.29 -3.68 -31.29
N ASP B 107 0.76 -3.30 -32.01
CA ASP B 107 0.78 -3.37 -33.47
C ASP B 107 0.73 -4.84 -33.86
N ILE B 108 -0.26 -5.21 -34.67
CA ILE B 108 -0.48 -6.60 -35.04
C ILE B 108 0.67 -7.13 -35.91
N MET B 109 1.33 -6.23 -36.64
CA MET B 109 2.45 -6.62 -37.49
C MET B 109 3.71 -6.89 -36.70
N HIS B 110 4.10 -5.92 -35.87
CA HIS B 110 5.33 -6.02 -35.09
C HIS B 110 5.19 -7.00 -33.95
N GLY B 111 4.03 -7.03 -33.31
CA GLY B 111 3.82 -7.89 -32.16
C GLY B 111 4.39 -7.30 -30.88
N LEU B 112 4.88 -8.17 -30.00
CA LEU B 112 5.40 -7.76 -28.70
C LEU B 112 6.69 -6.95 -28.84
N GLU B 113 6.84 -5.93 -28.01
CA GLU B 113 8.01 -5.06 -28.04
C GLU B 113 8.53 -4.80 -26.62
N GLN B 114 9.67 -4.13 -26.52
CA GLN B 114 10.32 -3.89 -25.23
C GLN B 114 9.46 -3.02 -24.31
N GLN B 115 8.97 -1.90 -24.84
CA GLN B 115 8.14 -1.00 -24.06
C GLN B 115 6.86 -1.73 -23.65
N THR B 116 6.38 -2.62 -24.52
CA THR B 116 5.17 -3.38 -24.25
C THR B 116 5.36 -4.38 -23.10
N ILE B 117 6.46 -5.12 -23.10
CA ILE B 117 6.71 -6.07 -22.02
C ILE B 117 7.00 -5.32 -20.71
N GLU B 118 7.69 -4.19 -20.80
CA GLU B 118 7.88 -3.34 -19.62
C GLU B 118 6.53 -2.98 -19.02
N SER B 119 5.62 -2.54 -19.89
CA SER B 119 4.28 -2.20 -19.48
C SER B 119 3.54 -3.41 -18.89
N ILE B 120 3.77 -4.58 -19.47
CA ILE B 120 3.16 -5.83 -19.00
C ILE B 120 3.59 -6.19 -17.58
N LYS B 121 4.89 -6.21 -17.34
CA LYS B 121 5.44 -6.53 -16.03
C LYS B 121 4.95 -5.50 -15.01
N LEU B 122 4.92 -4.24 -15.44
CA LEU B 122 4.42 -3.16 -14.60
C LEU B 122 2.96 -3.41 -14.21
N LEU B 123 2.15 -3.85 -15.19
CA LEU B 123 0.74 -4.11 -14.96
C LEU B 123 0.50 -5.29 -14.04
N ARG B 124 1.31 -6.34 -14.21
CA ARG B 124 1.20 -7.52 -13.35
C ARG B 124 1.57 -7.19 -11.91
N ASP B 125 2.63 -6.40 -11.74
CA ASP B 125 3.04 -5.97 -10.41
C ASP B 125 2.03 -5.03 -9.75
N ARG B 126 1.45 -4.15 -10.57
CA ARG B 126 0.49 -3.15 -10.09
C ARG B 126 -0.87 -3.74 -9.74
N LYS B 127 -1.12 -4.96 -10.24
CA LYS B 127 -2.41 -5.64 -10.06
C LYS B 127 -3.57 -4.86 -10.65
N ALA B 128 -3.32 -4.14 -11.75
CA ALA B 128 -4.37 -3.41 -12.42
C ALA B 128 -4.91 -4.24 -13.58
N PRO B 129 -6.24 -4.38 -13.65
CA PRO B 129 -6.87 -5.12 -14.76
C PRO B 129 -6.68 -4.38 -16.06
N PHE B 130 -6.55 -5.12 -17.16
CA PHE B 130 -6.31 -4.47 -18.45
C PHE B 130 -6.74 -5.33 -19.63
N VAL B 131 -6.95 -4.67 -20.77
CA VAL B 131 -7.20 -5.35 -22.04
C VAL B 131 -6.20 -4.86 -23.07
N VAL B 132 -5.97 -5.68 -24.09
CA VAL B 132 -5.02 -5.32 -25.13
C VAL B 132 -5.76 -5.04 -26.44
N ALA B 133 -5.40 -3.95 -27.10
CA ALA B 133 -5.99 -3.62 -28.39
C ALA B 133 -5.02 -3.97 -29.51
N LEU B 134 -5.43 -4.92 -30.37
CA LEU B 134 -4.61 -5.31 -31.50
C LEU B 134 -4.84 -4.35 -32.65
N ASN B 135 -4.08 -3.26 -32.67
CA ASN B 135 -4.30 -2.21 -33.66
C ASN B 135 -3.68 -2.52 -35.01
N LYS B 136 -4.05 -1.73 -36.01
CA LYS B 136 -3.50 -1.82 -37.36
C LYS B 136 -3.88 -3.11 -38.10
N ILE B 137 -5.09 -3.63 -37.82
CA ILE B 137 -5.57 -4.82 -38.50
C ILE B 137 -5.85 -4.53 -39.97
N ASP B 138 -6.07 -3.26 -40.30
CA ASP B 138 -6.33 -2.85 -41.67
C ASP B 138 -5.10 -3.06 -42.56
N ARG B 139 -3.95 -3.21 -41.92
CA ARG B 139 -2.68 -3.39 -42.62
C ARG B 139 -2.57 -4.77 -43.26
N LEU B 140 -3.38 -5.71 -42.78
CA LEU B 140 -3.44 -7.05 -43.36
C LEU B 140 -3.75 -7.02 -44.86
N TYR B 141 -3.12 -7.91 -45.61
CA TYR B 141 -3.21 -7.91 -47.07
C TYR B 141 -4.63 -8.11 -47.58
N ASP B 142 -5.06 -7.21 -48.46
CA ASP B 142 -6.38 -7.27 -49.08
C ASP B 142 -7.52 -7.25 -48.04
N TRP B 143 -7.36 -6.44 -47.00
CA TRP B 143 -8.41 -6.24 -46.01
C TRP B 143 -9.52 -5.36 -46.59
N LYS B 144 -10.75 -5.83 -46.52
CA LYS B 144 -11.88 -5.04 -47.00
C LYS B 144 -12.57 -4.39 -45.81
N ALA B 145 -12.52 -3.07 -45.75
CA ALA B 145 -12.89 -2.36 -44.53
C ALA B 145 -14.30 -1.79 -44.58
N ILE B 146 -15.04 -1.99 -43.49
CA ILE B 146 -16.29 -1.30 -43.26
C ILE B 146 -16.09 -0.35 -42.08
N PRO B 147 -16.05 0.96 -42.37
CA PRO B 147 -15.74 2.01 -41.38
C PRO B 147 -16.57 1.92 -40.11
N ASN B 148 -15.89 1.93 -38.97
CA ASN B 148 -16.52 1.99 -37.65
C ASN B 148 -17.42 0.80 -37.35
N ASN B 149 -17.22 -0.30 -38.07
CA ASN B 149 -17.99 -1.52 -37.84
C ASN B 149 -17.43 -2.32 -36.68
N SER B 150 -18.25 -3.21 -36.12
CA SER B 150 -17.78 -4.15 -35.10
C SER B 150 -16.74 -5.08 -35.72
N PHE B 151 -15.87 -5.65 -34.89
CA PHE B 151 -14.80 -6.50 -35.40
C PHE B 151 -15.33 -7.81 -35.99
N ARG B 152 -16.21 -8.49 -35.27
CA ARG B 152 -16.68 -9.81 -35.68
C ARG B 152 -17.39 -9.76 -37.04
N ASP B 153 -18.16 -8.71 -37.26
CA ASP B 153 -18.88 -8.54 -38.53
C ASP B 153 -17.91 -8.35 -39.69
N SER B 154 -17.02 -7.37 -39.55
CA SER B 154 -16.06 -7.06 -40.59
C SER B 154 -15.16 -8.25 -40.89
N PHE B 155 -14.81 -8.98 -39.84
CA PHE B 155 -14.00 -10.19 -39.98
C PHE B 155 -14.77 -11.25 -40.74
N ALA B 156 -16.07 -11.34 -40.46
CA ALA B 156 -16.93 -12.28 -41.18
C ALA B 156 -17.01 -11.94 -42.67
N LYS B 157 -16.99 -10.65 -42.98
CA LYS B 157 -17.00 -10.21 -44.38
C LYS B 157 -15.72 -10.55 -45.14
N GLN B 158 -14.59 -10.62 -44.44
CA GLN B 158 -13.30 -10.76 -45.10
C GLN B 158 -13.15 -12.11 -45.80
N SER B 159 -12.22 -12.17 -46.75
CA SER B 159 -11.91 -13.42 -47.43
C SER B 159 -11.16 -14.35 -46.49
N ARG B 160 -11.14 -15.64 -46.81
CA ARG B 160 -10.51 -16.64 -45.96
C ARG B 160 -9.01 -16.41 -45.82
N ALA B 161 -8.38 -15.89 -46.87
CA ALA B 161 -6.94 -15.62 -46.85
C ALA B 161 -6.59 -14.59 -45.79
N VAL B 162 -7.37 -13.51 -45.74
CA VAL B 162 -7.18 -12.45 -44.75
C VAL B 162 -7.34 -13.02 -43.35
N GLN B 163 -8.38 -13.84 -43.16
CA GLN B 163 -8.64 -14.51 -41.89
C GLN B 163 -7.46 -15.38 -41.48
N GLU B 164 -6.82 -16.01 -42.46
CA GLU B 164 -5.69 -16.89 -42.22
C GLU B 164 -4.47 -16.08 -41.76
N GLU B 165 -4.23 -14.96 -42.43
CA GLU B 165 -3.13 -14.08 -42.07
C GLU B 165 -3.32 -13.53 -40.66
N PHE B 166 -4.53 -13.04 -40.39
CA PHE B 166 -4.88 -12.54 -39.07
C PHE B 166 -4.66 -13.62 -38.04
N GLN B 167 -5.05 -14.84 -38.37
CA GLN B 167 -4.92 -15.96 -37.45
C GLN B 167 -3.45 -16.27 -37.16
N SER B 168 -2.61 -16.14 -38.18
CA SER B 168 -1.18 -16.36 -38.01
C SER B 168 -0.58 -15.32 -37.06
N ARG B 169 -0.80 -14.05 -37.37
CA ARG B 169 -0.27 -12.97 -36.55
C ARG B 169 -0.80 -13.04 -35.11
N TYR B 170 -2.11 -13.26 -34.99
CA TYR B 170 -2.77 -13.36 -33.70
C TYR B 170 -2.23 -14.52 -32.87
N SER B 171 -2.01 -15.67 -33.51
CA SER B 171 -1.47 -16.83 -32.82
C SER B 171 -0.04 -16.57 -32.36
N LYS B 172 0.74 -15.89 -33.20
CA LYS B 172 2.11 -15.58 -32.85
C LYS B 172 2.16 -14.63 -31.64
N ILE B 173 1.32 -13.59 -31.64
CA ILE B 173 1.29 -12.62 -30.55
C ILE B 173 0.76 -13.27 -29.26
N GLN B 174 -0.23 -14.14 -29.43
CA GLN B 174 -0.76 -14.93 -28.31
C GLN B 174 0.33 -15.81 -27.71
N LEU B 175 1.19 -16.33 -28.58
CA LEU B 175 2.32 -17.14 -28.14
C LEU B 175 3.34 -16.30 -27.38
N GLU B 176 3.62 -15.11 -27.90
CA GLU B 176 4.55 -14.18 -27.27
C GLU B 176 4.06 -13.82 -25.87
N LEU B 177 2.75 -13.57 -25.76
CA LEU B 177 2.13 -13.27 -24.48
C LEU B 177 2.17 -14.47 -23.55
N ALA B 178 2.00 -15.67 -24.12
CA ALA B 178 2.05 -16.90 -23.36
C ALA B 178 3.43 -17.16 -22.77
N GLU B 179 4.46 -16.73 -23.49
CA GLU B 179 5.84 -16.85 -23.01
C GLU B 179 6.02 -16.04 -21.75
N GLN B 180 5.37 -14.88 -21.71
CA GLN B 180 5.44 -13.99 -20.56
C GLN B 180 4.58 -14.51 -19.41
N GLY B 181 3.89 -15.63 -19.64
CA GLY B 181 3.11 -16.26 -18.59
C GLY B 181 1.68 -15.76 -18.58
N LEU B 182 1.35 -14.93 -19.57
CA LEU B 182 -0.01 -14.42 -19.68
C LEU B 182 -0.80 -15.12 -20.77
N ASN B 183 -1.94 -15.68 -20.39
CA ASN B 183 -2.85 -16.27 -21.35
C ASN B 183 -3.68 -15.17 -21.99
N SER B 184 -3.89 -15.25 -23.30
CA SER B 184 -4.64 -14.23 -24.00
C SER B 184 -5.67 -14.85 -24.93
N GLU B 185 -6.85 -14.24 -24.99
CA GLU B 185 -7.91 -14.71 -25.88
C GLU B 185 -8.74 -13.52 -26.32
N LEU B 186 -9.47 -13.67 -27.42
CA LEU B 186 -10.37 -12.62 -27.87
C LEU B 186 -11.46 -12.42 -26.80
N TYR B 187 -11.92 -11.19 -26.64
CA TYR B 187 -12.73 -10.83 -25.49
C TYR B 187 -14.03 -11.62 -25.41
N PHE B 188 -14.63 -11.91 -26.56
CA PHE B 188 -15.86 -12.69 -26.58
C PHE B 188 -15.59 -14.18 -26.35
N GLN B 189 -14.44 -14.66 -26.82
CA GLN B 189 -14.11 -16.08 -26.70
C GLN B 189 -13.75 -16.51 -25.28
N ASN B 190 -13.05 -15.66 -24.55
CA ASN B 190 -12.58 -16.05 -23.22
C ASN B 190 -13.76 -16.23 -22.27
N LYS B 191 -13.74 -17.31 -21.48
CA LYS B 191 -14.80 -17.60 -20.55
C LYS B 191 -14.60 -16.80 -19.26
N ASN B 192 -13.35 -16.74 -18.81
CA ASN B 192 -13.03 -16.03 -17.58
C ASN B 192 -12.05 -14.88 -17.84
N MET B 193 -12.48 -13.68 -17.48
CA MET B 193 -11.69 -12.46 -17.68
C MET B 193 -10.43 -12.42 -16.82
N SER B 194 -10.52 -12.96 -15.61
CA SER B 194 -9.40 -12.93 -14.66
C SER B 194 -8.22 -13.75 -15.15
N LYS B 195 -8.50 -14.95 -15.64
CA LYS B 195 -7.45 -15.87 -16.08
C LYS B 195 -6.85 -15.45 -17.41
N TYR B 196 -7.70 -15.06 -18.35
CA TYR B 196 -7.25 -14.71 -19.70
C TYR B 196 -7.36 -13.21 -19.94
N VAL B 197 -6.29 -12.60 -20.43
CA VAL B 197 -6.37 -11.20 -20.82
C VAL B 197 -7.11 -11.15 -22.16
N SER B 198 -7.91 -10.10 -22.35
CA SER B 198 -8.79 -10.02 -23.50
C SER B 198 -8.21 -9.14 -24.59
N ILE B 199 -8.20 -9.66 -25.81
CA ILE B 199 -7.72 -8.94 -26.97
C ILE B 199 -8.91 -8.45 -27.79
N VAL B 200 -8.94 -7.16 -28.09
CA VAL B 200 -9.93 -6.62 -29.00
C VAL B 200 -9.20 -6.05 -30.20
N PRO B 201 -9.38 -6.70 -31.37
CA PRO B 201 -8.74 -6.23 -32.60
C PRO B 201 -9.29 -4.87 -33.00
N THR B 202 -8.41 -3.96 -33.39
CA THR B 202 -8.82 -2.58 -33.66
C THR B 202 -8.12 -2.05 -34.91
N SER B 203 -8.75 -1.08 -35.55
CA SER B 203 -8.08 -0.29 -36.57
C SER B 203 -8.38 1.18 -36.32
N ALA B 204 -7.37 1.92 -35.90
CA ALA B 204 -7.53 3.33 -35.56
C ALA B 204 -7.87 4.17 -36.79
N VAL B 205 -7.44 3.69 -37.95
CA VAL B 205 -7.72 4.38 -39.20
C VAL B 205 -9.17 4.15 -39.65
N THR B 206 -9.58 2.89 -39.72
CA THR B 206 -10.93 2.56 -40.16
C THR B 206 -11.96 2.81 -39.06
N GLY B 207 -11.58 2.53 -37.83
CA GLY B 207 -12.49 2.66 -36.70
C GLY B 207 -13.09 1.32 -36.35
N GLU B 208 -12.67 0.29 -37.08
CA GLU B 208 -13.13 -1.08 -36.84
C GLU B 208 -12.55 -1.61 -35.53
N GLY B 209 -13.40 -2.25 -34.73
CA GLY B 209 -12.98 -2.81 -33.46
C GLY B 209 -13.11 -1.84 -32.30
N VAL B 210 -13.20 -0.56 -32.61
CA VAL B 210 -13.40 0.46 -31.58
C VAL B 210 -14.73 0.28 -30.81
N PRO B 211 -15.84 -0.02 -31.52
CA PRO B 211 -17.06 -0.34 -30.75
C PRO B 211 -16.86 -1.51 -29.79
N ASP B 212 -16.12 -2.52 -30.25
CA ASP B 212 -15.82 -3.68 -29.43
C ASP B 212 -15.02 -3.26 -28.20
N LEU B 213 -14.07 -2.35 -28.41
CA LEU B 213 -13.22 -1.85 -27.33
C LEU B 213 -14.03 -1.10 -26.28
N LEU B 214 -14.83 -0.13 -26.73
CA LEU B 214 -15.65 0.67 -25.83
C LEU B 214 -16.64 -0.21 -25.06
N TRP B 215 -17.28 -1.13 -25.77
CA TRP B 215 -18.20 -2.05 -25.13
C TRP B 215 -17.49 -2.87 -24.07
N LEU B 216 -16.27 -3.30 -24.39
CA LEU B 216 -15.48 -4.10 -23.47
C LEU B 216 -15.14 -3.31 -22.22
N LEU B 217 -14.79 -2.03 -22.41
CA LEU B 217 -14.49 -1.15 -21.29
C LEU B 217 -15.70 -0.99 -20.38
N LEU B 218 -16.84 -0.65 -20.98
CA LEU B 218 -18.06 -0.50 -20.21
C LEU B 218 -18.40 -1.77 -19.46
N GLU B 219 -18.22 -2.91 -20.12
CA GLU B 219 -18.54 -4.20 -19.54
C GLU B 219 -17.65 -4.50 -18.33
N LEU B 220 -16.34 -4.37 -18.50
CA LEU B 220 -15.40 -4.68 -17.43
C LEU B 220 -15.56 -3.72 -16.25
N THR B 221 -15.70 -2.43 -16.55
CA THR B 221 -15.85 -1.42 -15.52
C THR B 221 -17.15 -1.59 -14.76
N GLN B 222 -18.23 -1.93 -15.46
CA GLN B 222 -19.52 -2.14 -14.80
C GLN B 222 -19.58 -3.48 -14.07
N LYS B 223 -19.26 -4.56 -14.77
CA LYS B 223 -19.36 -5.91 -14.21
C LYS B 223 -18.16 -6.33 -13.36
N ARG B 224 -17.01 -6.44 -14.01
CA ARG B 224 -15.78 -6.97 -13.39
C ARG B 224 -15.04 -6.02 -12.46
N MET B 225 -15.74 -5.03 -11.91
CA MET B 225 -15.08 -4.03 -11.07
C MET B 225 -15.10 -4.35 -9.59
N SER B 226 -14.13 -3.81 -8.87
CA SER B 226 -14.14 -3.84 -7.42
C SER B 226 -15.41 -3.12 -6.94
N LYS B 227 -16.00 -3.61 -5.86
CA LYS B 227 -17.18 -2.98 -5.27
C LYS B 227 -16.90 -1.53 -4.87
N GLN B 228 -15.70 -1.32 -4.33
CA GLN B 228 -15.27 -0.02 -3.82
C GLN B 228 -15.17 1.02 -4.93
N LEU B 229 -14.80 0.60 -6.13
CA LEU B 229 -14.52 1.51 -7.23
C LEU B 229 -15.72 1.85 -8.12
N MET B 230 -16.85 1.19 -7.94
CA MET B 230 -18.04 1.52 -8.70
C MET B 230 -18.78 2.71 -8.11
N TYR B 231 -19.20 2.56 -6.86
CA TYR B 231 -19.93 3.61 -6.16
C TYR B 231 -19.01 4.73 -5.70
N LEU B 232 -19.58 5.93 -5.59
CA LEU B 232 -18.83 7.10 -5.17
C LEU B 232 -18.31 6.94 -3.75
N SER B 233 -17.14 7.51 -3.51
CA SER B 233 -16.39 7.29 -2.29
C SER B 233 -15.91 8.62 -1.73
N HIS B 234 -15.25 8.59 -0.58
CA HIS B 234 -14.76 9.81 0.02
C HIS B 234 -13.81 10.42 -0.99
N VAL B 235 -13.84 11.75 -1.09
CA VAL B 235 -13.17 12.41 -2.20
C VAL B 235 -11.70 12.11 -2.22
N GLU B 236 -11.20 11.75 -3.40
CA GLU B 236 -9.78 11.59 -3.63
C GLU B 236 -9.41 12.43 -4.86
N ALA B 237 -8.41 13.28 -4.71
CA ALA B 237 -7.95 14.08 -5.82
C ALA B 237 -6.45 14.24 -5.73
N THR B 238 -5.80 14.46 -6.87
CA THR B 238 -4.37 14.72 -6.86
C THR B 238 -4.06 15.86 -7.81
N ILE B 239 -3.15 16.73 -7.41
CA ILE B 239 -2.83 17.92 -8.18
C ILE B 239 -1.83 17.60 -9.29
N LEU B 240 -2.30 17.59 -10.52
CA LEU B 240 -1.41 17.38 -11.66
C LEU B 240 -0.48 18.57 -11.82
N GLU B 241 -1.04 19.78 -11.77
CA GLU B 241 -0.25 20.96 -12.03
C GLU B 241 -0.77 22.18 -11.28
N VAL B 242 0.14 23.13 -11.03
CA VAL B 242 -0.25 24.43 -10.49
C VAL B 242 0.06 25.51 -11.54
N LYS B 243 -0.96 26.26 -11.94
CA LYS B 243 -0.80 27.21 -13.03
C LYS B 243 -1.54 28.50 -12.75
N VAL B 244 -1.00 29.62 -13.21
CA VAL B 244 -1.65 30.90 -13.01
C VAL B 244 -2.45 31.27 -14.25
N VAL B 245 -3.76 31.43 -14.07
CA VAL B 245 -4.65 31.77 -15.17
C VAL B 245 -5.27 33.14 -14.90
N GLU B 246 -5.23 34.01 -15.91
CA GLU B 246 -5.79 35.35 -15.78
C GLU B 246 -7.29 35.30 -15.51
N GLY B 247 -7.76 36.17 -14.61
CA GLY B 247 -9.16 36.23 -14.26
C GLY B 247 -9.50 35.30 -13.10
N PHE B 248 -8.55 34.45 -12.75
CA PHE B 248 -8.74 33.52 -11.64
C PHE B 248 -7.54 33.52 -10.70
N GLY B 249 -6.44 34.13 -11.15
CA GLY B 249 -5.19 34.08 -10.42
C GLY B 249 -4.61 32.69 -10.45
N THR B 250 -4.09 32.23 -9.31
CA THR B 250 -3.52 30.89 -9.24
C THR B 250 -4.62 29.83 -9.18
N THR B 251 -4.52 28.84 -10.05
CA THR B 251 -5.47 27.73 -10.12
C THR B 251 -4.70 26.41 -10.17
N ILE B 252 -5.37 25.31 -9.83
CA ILE B 252 -4.73 24.00 -9.86
C ILE B 252 -5.45 22.98 -10.75
N ASP B 253 -4.72 22.41 -11.71
CA ASP B 253 -5.27 21.35 -12.55
C ASP B 253 -5.10 20.01 -11.86
N VAL B 254 -6.24 19.36 -11.58
CA VAL B 254 -6.25 18.16 -10.74
C VAL B 254 -7.07 17.03 -11.37
N ILE B 255 -6.67 15.79 -11.07
CA ILE B 255 -7.46 14.62 -11.43
C ILE B 255 -8.29 14.18 -10.23
N LEU B 256 -9.61 14.15 -10.40
CA LEU B 256 -10.50 13.74 -9.34
C LEU B 256 -10.80 12.24 -9.46
N SER B 257 -10.03 11.44 -8.73
CA SER B 257 -10.14 9.99 -8.83
C SER B 257 -11.44 9.46 -8.20
N ASN B 258 -11.82 10.01 -7.06
CA ASN B 258 -13.04 9.56 -6.39
C ASN B 258 -13.79 10.72 -5.73
N GLY B 259 -15.10 10.57 -5.55
CA GLY B 259 -15.88 11.54 -4.80
C GLY B 259 -16.44 12.71 -5.59
N TYR B 260 -17.12 13.61 -4.88
CA TYR B 260 -17.72 14.79 -5.48
C TYR B 260 -16.93 16.04 -5.07
N LEU B 261 -16.71 16.95 -6.01
CA LEU B 261 -16.18 18.27 -5.67
C LEU B 261 -17.23 19.31 -5.99
N ARG B 262 -17.44 20.24 -5.06
CA ARG B 262 -18.46 21.26 -5.25
C ARG B 262 -17.83 22.62 -5.05
N GLU B 263 -18.34 23.61 -5.78
CA GLU B 263 -17.89 24.98 -5.57
C GLU B 263 -18.30 25.37 -4.16
N GLY B 264 -17.40 26.06 -3.45
CA GLY B 264 -17.67 26.43 -2.08
C GLY B 264 -17.26 25.37 -1.06
N ASP B 265 -16.74 24.24 -1.52
CA ASP B 265 -16.22 23.22 -0.62
C ASP B 265 -14.97 23.70 0.11
N ARG B 266 -14.77 23.19 1.31
CA ARG B 266 -13.56 23.47 2.05
C ARG B 266 -12.53 22.37 1.81
N ILE B 267 -11.40 22.77 1.24
CA ILE B 267 -10.38 21.83 0.84
C ILE B 267 -9.03 22.23 1.43
N VAL B 268 -8.25 21.20 1.79
CA VAL B 268 -6.90 21.38 2.29
C VAL B 268 -5.93 20.70 1.34
N LEU B 269 -4.81 21.38 1.07
CA LEU B 269 -3.82 20.92 0.13
C LEU B 269 -2.41 21.23 0.63
N CYS B 270 -1.43 20.49 0.14
CA CYS B 270 -0.05 20.66 0.56
C CYS B 270 0.55 21.97 0.06
N GLY B 271 1.32 22.63 0.92
CA GLY B 271 1.98 23.86 0.55
C GLY B 271 3.41 23.86 1.07
N MET B 272 4.28 24.58 0.38
CA MET B 272 5.70 24.61 0.71
C MET B 272 5.96 25.10 2.13
N ASN B 273 5.48 26.31 2.43
CA ASN B 273 5.64 26.91 3.74
C ASN B 273 4.85 26.14 4.79
N GLY B 274 3.60 25.85 4.47
CA GLY B 274 2.72 25.12 5.37
C GLY B 274 1.50 24.62 4.64
N PRO B 275 0.66 23.83 5.33
CA PRO B 275 -0.59 23.34 4.73
C PRO B 275 -1.53 24.49 4.39
N ILE B 276 -2.24 24.38 3.27
CA ILE B 276 -3.17 25.41 2.86
C ILE B 276 -4.60 24.95 3.02
N VAL B 277 -5.42 25.78 3.65
CA VAL B 277 -6.85 25.51 3.76
C VAL B 277 -7.62 26.65 3.09
N THR B 278 -8.51 26.29 2.18
CA THR B 278 -9.27 27.32 1.45
C THR B 278 -10.58 26.77 0.93
N ASN B 279 -11.48 27.67 0.53
CA ASN B 279 -12.75 27.27 -0.03
C ASN B 279 -12.78 27.45 -1.54
N ILE B 280 -13.36 26.47 -2.24
CA ILE B 280 -13.40 26.47 -3.69
C ILE B 280 -14.28 27.59 -4.26
N ARG B 281 -13.67 28.47 -5.05
CA ARG B 281 -14.41 29.56 -5.68
C ARG B 281 -15.03 29.11 -7.00
N ALA B 282 -14.33 28.24 -7.72
CA ALA B 282 -14.82 27.78 -9.02
C ALA B 282 -14.24 26.46 -9.47
N LEU B 283 -15.05 25.68 -10.18
CA LEU B 283 -14.62 24.45 -10.82
C LEU B 283 -14.75 24.64 -12.33
N LEU B 284 -13.62 24.52 -13.04
CA LEU B 284 -13.57 24.91 -14.44
C LEU B 284 -13.11 23.78 -15.35
N THR B 285 -13.74 23.70 -16.53
CA THR B 285 -13.31 22.76 -17.56
C THR B 285 -13.24 23.53 -18.88
N PRO B 286 -12.46 23.03 -19.86
CA PRO B 286 -12.33 23.79 -21.12
C PRO B 286 -13.60 23.80 -21.96
N GLN B 287 -13.74 24.82 -22.81
CA GLN B 287 -14.92 24.97 -23.66
C GLN B 287 -14.60 24.72 -25.12
N PRO B 288 -15.30 23.73 -25.73
CA PRO B 288 -15.07 23.31 -27.12
C PRO B 288 -15.47 24.38 -28.14
N LEU B 289 -16.61 25.02 -27.94
CA LEU B 289 -17.16 25.96 -28.92
C LEU B 289 -16.28 27.20 -29.07
N ARG B 290 -15.82 27.45 -30.29
CA ARG B 290 -14.93 28.58 -30.57
C ARG B 290 -15.52 29.95 -30.25
N GLU B 291 -16.75 30.18 -30.71
CA GLU B 291 -17.42 31.46 -30.52
C GLU B 291 -17.60 31.76 -29.04
N LEU B 292 -18.01 30.75 -28.29
CA LEU B 292 -18.18 30.87 -26.85
C LEU B 292 -16.81 30.99 -26.19
N ARG B 293 -15.82 30.32 -26.77
CA ARG B 293 -14.46 30.38 -26.26
C ARG B 293 -13.91 31.80 -26.33
N LEU B 294 -14.34 32.55 -27.34
CA LEU B 294 -13.94 33.94 -27.49
C LEU B 294 -14.39 34.76 -26.29
N LYS B 295 -15.61 34.50 -25.82
CA LYS B 295 -16.17 35.18 -24.66
C LYS B 295 -15.52 34.68 -23.37
N SER B 296 -15.42 33.36 -23.22
CA SER B 296 -14.80 32.78 -22.03
C SER B 296 -14.14 31.45 -22.36
N GLU B 297 -12.93 31.25 -21.85
CA GLU B 297 -12.14 30.07 -22.17
C GLU B 297 -12.59 28.84 -21.38
N TYR B 298 -13.39 29.05 -20.35
CA TYR B 298 -13.76 27.96 -19.46
C TYR B 298 -15.26 27.93 -19.14
N VAL B 299 -15.73 26.76 -18.71
CA VAL B 299 -17.10 26.59 -18.23
C VAL B 299 -17.07 26.13 -16.77
N HIS B 300 -17.94 26.75 -15.99
CA HIS B 300 -18.02 26.53 -14.54
C HIS B 300 -18.99 25.41 -14.18
N HIS B 301 -18.61 24.60 -13.19
CA HIS B 301 -19.50 23.56 -12.67
C HIS B 301 -19.70 23.73 -11.17
N LYS B 302 -20.96 23.82 -10.75
CA LYS B 302 -21.28 23.91 -9.34
C LYS B 302 -20.91 22.59 -8.64
N GLU B 303 -21.08 21.49 -9.35
CA GLU B 303 -20.70 20.19 -8.83
C GLU B 303 -20.06 19.33 -9.92
N VAL B 304 -19.08 18.52 -9.53
CA VAL B 304 -18.39 17.60 -10.44
C VAL B 304 -18.22 16.27 -9.73
N LYS B 305 -18.36 15.18 -10.48
CA LYS B 305 -18.22 13.86 -9.90
C LYS B 305 -17.10 13.09 -10.60
N ALA B 306 -16.34 12.34 -9.82
CA ALA B 306 -15.26 11.52 -10.35
C ALA B 306 -15.79 10.50 -11.36
N ALA B 307 -15.00 10.17 -12.37
CA ALA B 307 -13.64 10.67 -12.51
C ALA B 307 -13.56 11.78 -13.56
N LEU B 308 -12.79 12.83 -13.25
CA LEU B 308 -12.66 13.96 -14.16
C LEU B 308 -11.37 14.74 -13.92
N GLY B 309 -10.93 15.46 -14.94
CA GLY B 309 -9.81 16.38 -14.81
C GLY B 309 -10.38 17.79 -14.79
N VAL B 310 -10.13 18.51 -13.71
CA VAL B 310 -10.77 19.81 -13.53
C VAL B 310 -9.77 20.85 -13.00
N LYS B 311 -9.95 22.10 -13.40
CA LYS B 311 -9.15 23.20 -12.86
C LYS B 311 -9.88 23.85 -11.70
N ILE B 312 -9.22 23.96 -10.56
CA ILE B 312 -9.83 24.54 -9.38
C ILE B 312 -9.32 25.95 -9.13
N ALA B 313 -10.25 26.89 -8.94
CA ALA B 313 -9.93 28.28 -8.63
C ALA B 313 -10.37 28.61 -7.21
N ALA B 314 -9.42 29.06 -6.40
CA ALA B 314 -9.66 29.38 -5.00
C ALA B 314 -8.56 30.29 -4.47
N ASN B 315 -8.74 30.80 -3.25
CA ASN B 315 -7.75 31.66 -2.65
C ASN B 315 -6.55 30.86 -2.12
N ASP B 316 -5.40 31.53 -2.06
CA ASP B 316 -4.19 30.99 -1.44
C ASP B 316 -3.70 29.70 -2.07
N LEU B 317 -3.94 29.53 -3.37
CA LEU B 317 -3.51 28.34 -4.09
C LEU B 317 -2.05 28.44 -4.52
N GLU B 318 -1.47 29.62 -4.32
CA GLU B 318 -0.14 29.93 -4.82
C GLU B 318 0.98 29.11 -4.20
N LYS B 319 0.89 28.85 -2.90
CA LYS B 319 1.92 28.11 -2.20
C LYS B 319 1.87 26.62 -2.50
N ALA B 320 0.81 26.19 -3.16
CA ALA B 320 0.55 24.78 -3.40
C ALA B 320 1.67 24.07 -4.16
N VAL B 321 1.87 22.80 -3.84
CA VAL B 321 2.90 21.99 -4.49
C VAL B 321 2.26 20.93 -5.38
N SER B 322 2.82 20.78 -6.59
CA SER B 322 2.33 19.79 -7.55
C SER B 322 2.56 18.36 -7.07
N GLY B 323 1.61 17.48 -7.38
CA GLY B 323 1.71 16.08 -7.00
C GLY B 323 1.00 15.80 -5.70
N SER B 324 0.63 16.88 -5.01
CA SER B 324 -0.05 16.78 -3.72
C SER B 324 -1.48 16.26 -3.82
N ARG B 325 -1.90 15.50 -2.82
CA ARG B 325 -3.29 15.07 -2.74
C ARG B 325 -4.14 16.25 -2.25
N LEU B 326 -5.40 16.25 -2.62
CA LEU B 326 -6.32 17.30 -2.19
C LEU B 326 -7.41 16.68 -1.32
N LEU B 327 -7.68 17.25 -0.16
CA LEU B 327 -8.67 16.65 0.73
C LEU B 327 -9.85 17.58 1.00
N VAL B 328 -11.03 16.98 1.08
CA VAL B 328 -12.26 17.71 1.36
C VAL B 328 -12.72 17.49 2.80
N VAL B 329 -12.98 18.59 3.49
CA VAL B 329 -13.44 18.54 4.88
C VAL B 329 -14.93 18.25 4.94
N GLY B 330 -15.29 17.06 5.41
CA GLY B 330 -16.69 16.72 5.63
C GLY B 330 -17.16 17.37 6.92
N PRO B 331 -18.46 17.24 7.21
CA PRO B 331 -19.03 17.77 8.45
C PRO B 331 -18.37 17.21 9.71
N GLU B 332 -18.00 15.94 9.69
CA GLU B 332 -17.42 15.26 10.84
C GLU B 332 -15.89 15.26 10.84
N ASP B 333 -15.28 15.96 9.89
CA ASP B 333 -13.83 16.00 9.81
C ASP B 333 -13.20 17.27 10.39
N ASP B 334 -11.98 17.13 10.89
CA ASP B 334 -11.20 18.22 11.47
C ASP B 334 -10.19 18.79 10.46
N GLU B 335 -10.22 20.10 10.28
CA GLU B 335 -9.36 20.75 9.28
C GLU B 335 -7.87 20.53 9.56
N ASP B 336 -7.48 20.63 10.82
CA ASP B 336 -6.07 20.51 11.19
C ASP B 336 -5.55 19.10 10.91
N GLU B 337 -6.35 18.10 11.31
CA GLU B 337 -6.03 16.71 11.05
C GLU B 337 -5.84 16.44 9.56
N LEU B 338 -6.73 16.99 8.75
CA LEU B 338 -6.64 16.83 7.30
C LEU B 338 -5.40 17.51 6.73
N MET B 339 -5.07 18.69 7.27
CA MET B 339 -3.88 19.42 6.86
C MET B 339 -2.64 18.58 7.13
N ASP B 340 -2.59 17.98 8.32
CA ASP B 340 -1.53 17.08 8.71
C ASP B 340 -1.46 15.88 7.76
N ASP B 341 -2.64 15.36 7.42
CA ASP B 341 -2.77 14.23 6.49
C ASP B 341 -2.11 14.57 5.15
N VAL B 342 -2.42 15.75 4.62
CA VAL B 342 -1.85 16.12 3.33
C VAL B 342 -0.35 16.33 3.44
N MET B 343 0.09 16.95 4.54
CA MET B 343 1.51 17.25 4.70
C MET B 343 2.37 16.01 4.97
N ASP B 344 1.76 14.95 5.48
CA ASP B 344 2.52 13.78 5.91
C ASP B 344 3.23 13.10 4.73
N ASP B 345 2.58 13.14 3.57
CA ASP B 345 3.13 12.55 2.36
C ASP B 345 4.40 13.30 1.98
N LEU B 346 4.34 14.63 2.11
CA LEU B 346 5.49 15.48 1.84
C LEU B 346 6.61 15.16 2.83
N THR B 347 6.22 14.96 4.10
CA THR B 347 7.17 14.67 5.17
C THR B 347 7.90 13.35 4.93
N GLY B 348 7.17 12.37 4.42
CA GLY B 348 7.73 11.07 4.09
C GLY B 348 8.90 11.23 3.13
N LEU B 349 8.74 12.16 2.20
CA LEU B 349 9.82 12.52 1.30
C LEU B 349 10.91 13.28 2.03
N LEU B 350 10.50 14.14 2.96
CA LEU B 350 11.45 15.01 3.66
C LEU B 350 12.46 14.23 4.51
N ASP B 351 12.02 13.17 5.18
CA ASP B 351 12.94 12.39 6.00
C ASP B 351 14.01 11.73 5.13
N SER B 352 13.57 11.22 3.97
CA SER B 352 14.46 10.60 2.99
C SER B 352 13.69 10.28 1.71
N LYS B 358 26.70 15.50 5.95
CA LYS B 358 27.21 16.02 4.68
C LYS B 358 26.36 15.55 3.51
N GLY B 359 25.86 16.50 2.73
CA GLY B 359 25.00 16.17 1.60
C GLY B 359 24.87 17.27 0.55
N VAL B 360 24.29 16.90 -0.58
CA VAL B 360 24.06 17.83 -1.69
C VAL B 360 22.66 18.46 -1.56
N VAL B 361 22.45 19.57 -2.27
CA VAL B 361 21.14 20.23 -2.28
C VAL B 361 20.36 19.80 -3.52
N VAL B 362 19.09 19.43 -3.33
CA VAL B 362 18.24 19.05 -4.45
C VAL B 362 16.94 19.83 -4.52
N GLN B 363 16.55 20.18 -5.74
CA GLN B 363 15.34 20.93 -6.03
C GLN B 363 14.60 20.26 -7.20
N ALA B 364 13.28 20.16 -7.11
CA ALA B 364 12.50 19.55 -8.18
C ALA B 364 11.20 20.30 -8.42
N SER B 365 10.60 20.09 -9.59
CA SER B 365 9.37 20.76 -9.95
C SER B 365 8.16 20.17 -9.23
N THR B 366 8.08 18.85 -9.19
CA THR B 366 6.93 18.17 -8.59
C THR B 366 7.38 17.13 -7.57
N LEU B 367 6.43 16.63 -6.78
CA LEU B 367 6.73 15.62 -5.77
C LEU B 367 7.26 14.35 -6.43
N GLY B 368 6.70 14.01 -7.58
CA GLY B 368 7.10 12.83 -8.32
C GLY B 368 8.51 13.00 -8.85
N SER B 369 8.78 14.19 -9.38
CA SER B 369 10.11 14.54 -9.89
C SER B 369 11.12 14.49 -8.75
N LEU B 370 10.71 14.93 -7.57
CA LEU B 370 11.55 14.87 -6.37
C LEU B 370 11.84 13.43 -6.01
N GLU B 371 10.83 12.58 -6.13
CA GLU B 371 10.98 11.15 -5.86
C GLU B 371 12.00 10.53 -6.81
N ALA B 372 11.85 10.84 -8.09
CA ALA B 372 12.75 10.33 -9.11
C ALA B 372 14.17 10.82 -8.87
N LEU B 373 14.30 12.07 -8.44
CA LEU B 373 15.61 12.65 -8.16
C LEU B 373 16.31 11.98 -6.98
N LEU B 374 15.59 11.86 -5.86
CA LEU B 374 16.15 11.25 -4.66
C LEU B 374 16.46 9.76 -4.88
N ASP B 375 15.59 9.09 -5.62
CA ASP B 375 15.82 7.69 -6.00
C ASP B 375 17.04 7.55 -6.88
N PHE B 376 17.20 8.48 -7.83
CA PHE B 376 18.33 8.48 -8.74
C PHE B 376 19.62 8.65 -7.96
N LEU B 377 19.59 9.54 -6.96
CA LEU B 377 20.74 9.80 -6.12
C LEU B 377 21.04 8.58 -5.23
N LYS B 378 20.00 7.90 -4.77
CA LYS B 378 20.17 6.68 -4.00
C LYS B 378 20.84 5.61 -4.85
N ASP B 379 20.45 5.55 -6.12
CA ASP B 379 21.06 4.63 -7.08
C ASP B 379 22.53 4.99 -7.23
N MET B 380 22.80 6.28 -7.38
CA MET B 380 24.18 6.76 -7.45
C MET B 380 24.81 6.78 -6.08
N LYS B 381 23.99 6.58 -5.05
CA LYS B 381 24.42 6.48 -3.65
C LYS B 381 24.98 7.82 -3.18
N ILE B 382 24.53 8.90 -3.82
CA ILE B 382 24.93 10.25 -3.43
C ILE B 382 23.98 10.83 -2.36
N PRO B 383 24.54 11.18 -1.19
CA PRO B 383 23.78 11.73 -0.07
C PRO B 383 23.30 13.16 -0.32
N VAL B 384 22.16 13.52 0.27
CA VAL B 384 21.59 14.86 0.12
C VAL B 384 21.30 15.52 1.47
N MET B 385 21.84 16.72 1.67
CA MET B 385 21.64 17.45 2.92
C MET B 385 20.27 18.13 2.96
N SER B 386 19.84 18.69 1.85
CA SER B 386 18.60 19.44 1.82
C SER B 386 17.76 19.12 0.59
N ILE B 387 16.46 19.33 0.71
CA ILE B 387 15.53 19.10 -0.39
C ILE B 387 14.81 20.40 -0.74
N GLY B 388 14.64 20.67 -2.02
CA GLY B 388 14.03 21.92 -2.45
C GLY B 388 12.79 21.73 -3.29
N LEU B 389 11.80 22.60 -3.09
CA LEU B 389 10.58 22.55 -3.88
C LEU B 389 10.23 23.92 -4.46
N GLY B 390 9.85 23.94 -5.73
CA GLY B 390 9.48 25.18 -6.39
C GLY B 390 10.69 25.95 -6.89
N PRO B 391 10.46 27.14 -7.46
CA PRO B 391 11.50 28.01 -8.02
C PRO B 391 12.64 28.24 -7.03
N VAL B 392 13.88 28.21 -7.50
CA VAL B 392 15.03 28.40 -6.62
C VAL B 392 15.17 29.86 -6.21
N TYR B 393 15.37 30.08 -4.92
CA TYR B 393 15.57 31.42 -4.38
C TYR B 393 16.88 31.44 -3.62
N LYS B 394 17.37 32.65 -3.31
CA LYS B 394 18.68 32.83 -2.67
C LYS B 394 18.82 31.98 -1.41
N ARG B 395 17.74 31.90 -0.63
CA ARG B 395 17.74 31.10 0.60
C ARG B 395 18.03 29.63 0.30
N ASP B 396 17.41 29.11 -0.77
CA ASP B 396 17.65 27.74 -1.20
C ASP B 396 19.12 27.53 -1.59
N VAL B 397 19.71 28.58 -2.18
CA VAL B 397 21.11 28.56 -2.58
C VAL B 397 22.03 28.56 -1.37
N MET B 398 21.61 29.21 -0.30
CA MET B 398 22.41 29.30 0.93
C MET B 398 22.80 27.93 1.49
N LYS B 399 21.91 26.95 1.35
CA LYS B 399 22.10 25.61 1.89
C LYS B 399 23.40 24.91 1.44
N ALA B 400 23.75 25.06 0.16
CA ALA B 400 24.94 24.42 -0.39
C ALA B 400 26.23 25.08 0.09
N SER B 401 26.16 26.39 0.35
CA SER B 401 27.33 27.17 0.74
C SER B 401 27.96 26.62 2.02
N THR B 402 27.12 26.15 2.94
CA THR B 402 27.60 25.53 4.16
C THR B 402 28.40 24.28 3.83
N MET B 403 27.92 23.54 2.83
CA MET B 403 28.54 22.29 2.43
C MET B 403 29.87 22.52 1.71
N LEU B 404 30.02 23.71 1.13
CA LEU B 404 31.22 24.03 0.37
C LEU B 404 32.50 23.85 1.18
N GLU B 405 32.48 24.27 2.43
CA GLU B 405 33.66 24.25 3.30
C GLU B 405 34.19 22.84 3.52
N LYS B 406 33.28 21.89 3.73
CA LYS B 406 33.67 20.51 4.04
C LYS B 406 33.85 19.67 2.78
N ALA B 407 32.96 19.85 1.82
CA ALA B 407 32.99 19.06 0.58
C ALA B 407 32.61 19.89 -0.63
N PRO B 408 33.61 20.26 -1.45
CA PRO B 408 33.40 21.01 -2.69
C PRO B 408 32.58 20.21 -3.70
N GLU B 409 32.77 18.89 -3.70
CA GLU B 409 32.08 18.01 -4.65
C GLU B 409 30.58 17.96 -4.36
N TYR B 410 30.23 17.98 -3.09
CA TYR B 410 28.84 17.92 -2.67
C TYR B 410 28.19 19.30 -2.65
N ALA B 411 29.00 20.33 -2.87
CA ALA B 411 28.51 21.71 -2.87
C ALA B 411 27.89 22.09 -4.20
N VAL B 412 26.80 21.41 -4.56
CA VAL B 412 26.10 21.68 -5.81
C VAL B 412 24.60 21.68 -5.61
N MET B 413 23.87 22.29 -6.55
CA MET B 413 22.42 22.26 -6.50
C MET B 413 21.89 21.49 -7.71
N LEU B 414 21.19 20.40 -7.46
CA LEU B 414 20.61 19.60 -8.52
C LEU B 414 19.14 19.93 -8.70
N CYS B 415 18.82 20.60 -9.80
CA CYS B 415 17.46 21.13 -10.00
C CYS B 415 16.79 20.50 -11.21
N PHE B 416 15.55 20.07 -11.03
CA PHE B 416 14.80 19.48 -12.14
C PHE B 416 13.55 20.28 -12.49
N ASP B 417 13.51 20.75 -13.73
CA ASP B 417 12.36 21.45 -14.30
C ASP B 417 11.92 22.67 -13.47
N VAL B 418 12.88 23.42 -12.94
CA VAL B 418 12.56 24.62 -12.17
C VAL B 418 13.27 25.84 -12.74
N LYS B 419 12.68 27.01 -12.53
CA LYS B 419 13.26 28.25 -13.01
C LYS B 419 13.98 29.05 -11.92
N VAL B 420 15.20 29.49 -12.21
CA VAL B 420 15.96 30.32 -11.29
C VAL B 420 15.97 31.73 -11.88
N ASP B 421 15.69 32.74 -11.06
CA ASP B 421 15.57 34.09 -11.59
C ASP B 421 16.14 35.20 -10.71
N LYS B 422 16.63 36.25 -11.37
CA LYS B 422 17.09 37.48 -10.74
C LYS B 422 18.24 37.33 -9.74
N GLU B 423 17.94 37.66 -8.48
CA GLU B 423 18.93 37.73 -7.41
C GLU B 423 19.62 36.41 -7.07
N ALA B 424 18.88 35.30 -7.11
CA ALA B 424 19.44 34.01 -6.75
C ALA B 424 20.58 33.57 -7.66
N GLU B 425 20.43 33.78 -8.96
CA GLU B 425 21.46 33.43 -9.92
C GLU B 425 22.76 34.21 -9.68
N GLN B 426 22.63 35.52 -9.53
CA GLN B 426 23.77 36.40 -9.30
C GLN B 426 24.44 36.07 -7.96
N TYR B 427 23.61 35.82 -6.96
CA TYR B 427 24.10 35.47 -5.63
C TYR B 427 24.89 34.17 -5.70
N ALA B 428 24.39 33.22 -6.48
CA ALA B 428 25.09 31.96 -6.70
C ALA B 428 26.41 32.21 -7.40
N GLU B 429 26.42 33.18 -8.31
CA GLU B 429 27.64 33.58 -9.00
C GLU B 429 28.66 34.09 -8.00
N GLN B 430 28.19 34.87 -7.03
CA GLN B 430 29.05 35.45 -6.01
C GLN B 430 29.60 34.35 -5.07
N GLU B 431 28.74 33.42 -4.69
CA GLU B 431 29.14 32.35 -3.79
C GLU B 431 30.10 31.38 -4.47
N GLY B 432 29.96 31.26 -5.79
CA GLY B 432 30.83 30.42 -6.58
C GLY B 432 30.34 28.99 -6.64
N ILE B 433 29.15 28.74 -6.09
CA ILE B 433 28.55 27.41 -6.11
C ILE B 433 27.96 27.11 -7.49
N LYS B 434 27.95 25.83 -7.85
CA LYS B 434 27.41 25.41 -9.14
C LYS B 434 26.01 24.85 -8.99
N ILE B 435 25.07 25.43 -9.73
CA ILE B 435 23.68 24.96 -9.72
C ILE B 435 23.31 24.44 -11.10
N PHE B 436 22.94 23.15 -11.16
CA PHE B 436 22.53 22.55 -12.42
C PHE B 436 21.02 22.32 -12.46
N ASN B 437 20.38 22.85 -13.50
CA ASN B 437 18.96 22.63 -13.71
C ASN B 437 18.69 22.13 -15.12
N ALA B 438 18.01 21.00 -15.21
CA ALA B 438 17.72 20.38 -16.50
C ALA B 438 16.34 19.74 -16.55
N ASP B 439 15.71 19.81 -17.71
CA ASP B 439 14.44 19.15 -17.96
C ASP B 439 14.57 17.63 -17.95
N VAL B 440 15.72 17.13 -18.38
CA VAL B 440 15.96 15.69 -18.45
C VAL B 440 16.88 15.20 -17.34
N ILE B 441 16.51 14.06 -16.75
CA ILE B 441 17.22 13.49 -15.60
C ILE B 441 18.65 13.06 -15.89
N TYR B 442 18.89 12.48 -17.07
CA TYR B 442 20.22 11.97 -17.41
C TYR B 442 21.21 13.11 -17.70
N HIS B 443 20.70 14.20 -18.25
CA HIS B 443 21.48 15.42 -18.44
C HIS B 443 22.00 15.89 -17.08
N LEU B 444 21.08 15.89 -16.12
CA LEU B 444 21.37 16.25 -14.73
C LEU B 444 22.36 15.26 -14.14
N PHE B 445 22.30 14.01 -14.59
CA PHE B 445 23.23 12.98 -14.15
C PHE B 445 24.64 13.31 -14.63
N ASP B 446 24.74 13.75 -15.88
CA ASP B 446 26.03 14.12 -16.46
C ASP B 446 26.61 15.32 -15.70
N SER B 447 25.77 16.32 -15.46
CA SER B 447 26.19 17.49 -14.69
C SER B 447 26.61 17.08 -13.28
N PHE B 448 25.93 16.07 -12.74
CA PHE B 448 26.18 15.58 -11.40
C PHE B 448 27.54 14.90 -11.32
N THR B 449 27.86 14.07 -12.31
CA THR B 449 29.16 13.42 -12.35
C THR B 449 30.24 14.48 -12.57
N ALA B 450 29.90 15.53 -13.31
CA ALA B 450 30.81 16.65 -13.50
C ALA B 450 31.12 17.31 -12.15
N TYR B 451 30.09 17.40 -11.31
CA TYR B 451 30.26 17.96 -9.97
C TYR B 451 31.09 17.03 -9.08
N GLN B 452 30.83 15.73 -9.21
CA GLN B 452 31.51 14.70 -8.43
C GLN B 452 33.00 14.63 -8.74
N GLU B 453 33.33 14.72 -10.03
CA GLU B 453 34.71 14.63 -10.47
C GLU B 453 35.43 15.97 -10.30
#